data_2VRE
#
_entry.id   2VRE
#
_cell.length_a   127.580
_cell.length_b   137.253
_cell.length_c   96.137
_cell.angle_alpha   90.00
_cell.angle_beta   90.00
_cell.angle_gamma   90.00
#
_symmetry.space_group_name_H-M   'C 2 2 21'
#
loop_
_entity.id
_entity.type
_entity.pdbx_description
1 polymer 'DELTA(3,5)-DELTA(2,4)-DIENOYL-COA ISOMERASE'
2 non-polymer 'CHLORIDE ION'
3 water water
#
_entity_poly.entity_id   1
_entity_poly.type   'polypeptide(L)'
_entity_poly.pdbx_seq_one_letter_code
;MHHHHHHSSGVDLGTENLYFQSMAPDHSYESLRVTSAQKHVLHVQLNRPNKRNAMNKVFWREMVECFNKISRDADCRAVV
ISGAGKMFTAGIDLMDMASDILQPKGDDVARISWYLRDIITRYQETFNVIERCPKPVIAAVHGGCIGGGVDLVTACDIRY
CAQDAFFQVKEVDVGLAADVGTLQRLPKVIGNQSLVNELAFTARKMMADEALGSGLVSRVFPDKEVMLDAALALAAEISS
KSPVAVQSTKVNLLYSRDHSVAESLNYVASWNMSMLQTQDLVKSVQATTENKELKT
;
_entity_poly.pdbx_strand_id   A,B,C
#
loop_
_chem_comp.id
_chem_comp.type
_chem_comp.name
_chem_comp.formula
CL non-polymer 'CHLORIDE ION' 'Cl -1'
#
# COMPACT_ATOMS: atom_id res chain seq x y z
N LEU A 18 32.29 13.12 -24.15
CA LEU A 18 31.55 14.35 -24.57
C LEU A 18 30.21 14.00 -25.20
N TYR A 19 29.18 14.75 -24.83
CA TYR A 19 27.85 14.55 -25.39
C TYR A 19 27.63 15.64 -26.44
N PHE A 20 27.13 15.27 -27.62
CA PHE A 20 26.76 16.30 -28.62
C PHE A 20 25.32 16.20 -28.91
N GLN A 21 24.67 17.34 -29.13
CA GLN A 21 23.24 17.39 -29.49
C GLN A 21 22.97 16.76 -30.85
N SER A 22 21.72 16.33 -31.08
CA SER A 22 21.36 15.95 -32.43
C SER A 22 21.45 17.15 -33.38
N MET A 23 21.31 16.88 -34.67
CA MET A 23 21.38 17.95 -35.66
C MET A 23 20.12 18.85 -35.59
N ALA A 24 19.05 18.34 -34.98
CA ALA A 24 17.83 19.14 -34.75
C ALA A 24 17.32 18.80 -33.34
N PRO A 25 17.92 19.40 -32.29
CA PRO A 25 17.63 19.04 -30.88
C PRO A 25 16.19 19.37 -30.50
N ASP A 26 15.47 18.43 -29.89
N ASP A 26 15.50 18.40 -29.99
CA ASP A 26 14.11 18.72 -29.44
CA ASP A 26 14.14 18.69 -29.53
C ASP A 26 14.02 19.24 -27.98
C ASP A 26 14.05 19.21 -28.07
N HIS A 27 15.15 19.28 -27.29
CA HIS A 27 15.19 19.68 -25.88
C HIS A 27 16.24 20.77 -25.61
N SER A 28 15.77 22.00 -25.37
CA SER A 28 16.64 23.15 -25.04
CA SER A 28 16.67 23.12 -25.13
C SER A 28 16.09 24.01 -23.90
N TYR A 29 16.55 23.73 -22.68
CA TYR A 29 15.94 24.30 -21.47
C TYR A 29 16.94 25.11 -20.65
N GLU A 30 16.44 26.04 -19.84
CA GLU A 30 17.29 26.78 -18.89
C GLU A 30 17.58 25.92 -17.67
N SER A 31 16.54 25.27 -17.13
CA SER A 31 16.62 24.64 -15.82
C SER A 31 16.93 23.14 -15.90
N LEU A 32 16.96 22.62 -17.12
CA LEU A 32 17.11 21.18 -17.35
C LEU A 32 18.08 20.89 -18.45
N ARG A 33 18.77 19.78 -18.32
CA ARG A 33 19.64 19.31 -19.38
CA ARG A 33 19.67 19.28 -19.47
C ARG A 33 19.11 17.95 -19.78
N VAL A 34 18.92 17.71 -21.08
CA VAL A 34 18.43 16.39 -21.50
C VAL A 34 19.45 15.77 -22.45
N THR A 35 19.87 14.55 -22.12
CA THR A 35 20.85 13.88 -22.97
C THR A 35 20.34 12.48 -23.30
N SER A 36 20.94 11.88 -24.33
CA SER A 36 20.66 10.49 -24.68
C SER A 36 21.84 9.57 -24.32
N ALA A 37 21.53 8.56 -23.52
CA ALA A 37 22.47 7.76 -22.75
C ALA A 37 22.51 6.27 -23.13
N GLN A 38 22.51 6.04 -24.44
CA GLN A 38 22.41 4.74 -25.03
C GLN A 38 21.27 4.80 -26.04
N LYS A 39 20.74 3.64 -26.40
CA LYS A 39 19.61 3.52 -27.28
C LYS A 39 18.37 3.56 -26.36
N HIS A 40 17.45 4.47 -26.70
CA HIS A 40 16.10 4.57 -26.11
C HIS A 40 16.03 5.20 -24.74
N VAL A 41 17.15 5.57 -24.17
CA VAL A 41 17.15 6.09 -22.80
C VAL A 41 17.40 7.59 -22.83
N LEU A 42 16.53 8.36 -22.18
CA LEU A 42 16.79 9.78 -22.03
C LEU A 42 17.13 10.07 -20.59
N HIS A 43 18.15 10.91 -20.39
CA HIS A 43 18.57 11.34 -19.06
C HIS A 43 18.23 12.83 -18.90
N VAL A 44 17.28 13.08 -18.00
CA VAL A 44 16.82 14.42 -17.68
C VAL A 44 17.54 14.86 -16.39
N GLN A 45 18.34 15.91 -16.49
CA GLN A 45 19.11 16.36 -15.35
C GLN A 45 18.63 17.73 -14.89
N LEU A 46 18.23 17.82 -13.63
CA LEU A 46 17.99 19.13 -13.01
C LEU A 46 19.33 19.83 -13.10
N ASN A 47 19.32 21.05 -13.64
CA ASN A 47 20.56 21.73 -13.98
C ASN A 47 20.63 23.22 -13.55
N ARG A 48 20.50 23.45 -12.24
CA ARG A 48 20.82 24.76 -11.67
C ARG A 48 21.75 24.56 -10.46
N PRO A 49 22.90 23.89 -10.68
CA PRO A 49 23.74 23.43 -9.55
C PRO A 49 24.26 24.55 -8.64
N ASN A 50 24.44 25.76 -9.17
CA ASN A 50 24.84 26.91 -8.35
C ASN A 50 23.76 27.35 -7.37
N LYS A 51 22.51 26.99 -7.69
CA LYS A 51 21.39 27.28 -6.83
C LYS A 51 20.85 25.99 -6.22
N ARG A 52 21.69 24.95 -6.25
CA ARG A 52 21.36 23.63 -5.72
C ARG A 52 20.06 23.07 -6.32
N ASN A 53 19.87 23.34 -7.62
CA ASN A 53 18.68 22.88 -8.39
C ASN A 53 17.34 23.31 -7.76
N ALA A 54 17.34 24.47 -7.10
CA ALA A 54 16.11 25.08 -6.61
C ALA A 54 15.12 25.29 -7.76
N MET A 55 13.86 24.89 -7.51
CA MET A 55 12.81 24.91 -8.52
C MET A 55 12.17 26.29 -8.62
N ASN A 56 12.64 27.07 -9.60
CA ASN A 56 12.14 28.41 -9.89
C ASN A 56 11.03 28.33 -10.97
N LYS A 57 10.44 29.47 -11.33
CA LYS A 57 9.30 29.54 -12.26
C LYS A 57 9.49 28.81 -13.60
N VAL A 58 10.66 28.96 -14.20
CA VAL A 58 10.94 28.28 -15.47
C VAL A 58 10.97 26.76 -15.30
N PHE A 59 11.39 26.28 -14.13
CA PHE A 59 11.47 24.84 -13.90
C PHE A 59 10.08 24.21 -14.00
N TRP A 60 9.10 24.83 -13.36
CA TRP A 60 7.76 24.26 -13.37
C TRP A 60 7.20 24.19 -14.80
N ARG A 61 7.47 25.21 -15.60
CA ARG A 61 7.11 25.22 -17.04
C ARG A 61 7.86 24.21 -17.90
N GLU A 62 9.17 24.15 -17.73
CA GLU A 62 10.04 23.34 -18.60
C GLU A 62 9.86 21.84 -18.38
N MET A 63 9.50 21.45 -17.17
CA MET A 63 9.25 20.05 -16.85
C MET A 63 8.04 19.55 -17.62
N VAL A 64 6.99 20.36 -17.67
CA VAL A 64 5.77 20.02 -18.42
C VAL A 64 6.11 19.89 -19.92
N GLU A 65 6.78 20.91 -20.46
CA GLU A 65 7.18 20.91 -21.87
C GLU A 65 8.04 19.66 -22.20
N CYS A 66 8.99 19.34 -21.30
CA CYS A 66 9.93 18.22 -21.47
C CYS A 66 9.25 16.85 -21.49
N PHE A 67 8.48 16.57 -20.43
CA PHE A 67 7.87 15.27 -20.31
C PHE A 67 6.75 15.00 -21.29
N ASN A 68 6.03 16.04 -21.70
CA ASN A 68 5.06 15.88 -22.77
C ASN A 68 5.72 15.52 -24.09
N LYS A 69 6.89 16.10 -24.34
CA LYS A 69 7.66 15.75 -25.53
C LYS A 69 8.17 14.33 -25.44
N ILE A 70 8.71 13.95 -24.29
CA ILE A 70 9.15 12.56 -24.08
C ILE A 70 7.97 11.57 -24.24
N SER A 71 6.80 11.91 -23.71
CA SER A 71 5.61 11.06 -23.87
CA SER A 71 5.64 11.03 -23.96
C SER A 71 5.34 10.75 -25.34
N ARG A 72 5.54 11.74 -26.21
CA ARG A 72 5.29 11.61 -27.63
C ARG A 72 6.54 11.19 -28.44
N ASP A 73 7.67 10.96 -27.75
CA ASP A 73 8.89 10.54 -28.41
C ASP A 73 8.90 9.01 -28.65
N ALA A 74 8.67 8.58 -29.89
CA ALA A 74 8.52 7.14 -30.21
C ALA A 74 9.80 6.29 -29.94
N ASP A 75 10.95 6.95 -29.88
CA ASP A 75 12.23 6.26 -29.75
C ASP A 75 12.64 6.07 -28.26
N CYS A 76 12.09 6.90 -27.38
CA CYS A 76 12.40 6.82 -25.94
C CYS A 76 11.59 5.70 -25.32
N ARG A 77 12.25 4.84 -24.54
CA ARG A 77 11.57 3.75 -23.82
C ARG A 77 11.67 3.83 -22.28
N ALA A 78 12.59 4.65 -21.77
CA ALA A 78 12.78 4.82 -20.32
C ALA A 78 13.51 6.14 -20.08
N VAL A 79 13.31 6.70 -18.90
CA VAL A 79 13.87 7.98 -18.54
C VAL A 79 14.55 7.84 -17.18
N VAL A 80 15.74 8.45 -17.06
CA VAL A 80 16.36 8.66 -15.76
C VAL A 80 16.36 10.15 -15.40
N ILE A 81 15.98 10.48 -14.16
CA ILE A 81 16.03 11.88 -13.71
C ILE A 81 17.06 11.99 -12.58
N SER A 82 18.04 12.87 -12.76
CA SER A 82 19.04 13.11 -11.74
C SER A 82 19.25 14.63 -11.54
N GLY A 83 20.15 15.00 -10.64
CA GLY A 83 20.40 16.41 -10.38
C GLY A 83 21.88 16.69 -10.59
N ALA A 84 22.18 17.86 -11.17
CA ALA A 84 23.56 18.34 -11.31
C ALA A 84 24.10 18.91 -10.01
N GLY A 85 25.41 18.77 -9.79
CA GLY A 85 26.07 19.41 -8.67
C GLY A 85 26.02 18.56 -7.41
N LYS A 86 25.99 19.25 -6.27
CA LYS A 86 26.12 18.61 -4.94
C LYS A 86 24.90 17.85 -4.43
N MET A 87 23.71 18.19 -4.91
CA MET A 87 22.49 17.58 -4.41
C MET A 87 21.38 17.51 -5.47
N PHE A 88 20.45 16.59 -5.24
CA PHE A 88 19.34 16.39 -6.15
C PHE A 88 18.54 17.68 -6.25
N THR A 89 18.03 18.18 -5.13
CA THR A 89 17.36 19.47 -5.11
C THR A 89 17.08 20.02 -3.72
N ALA A 90 17.17 21.35 -3.59
CA ALA A 90 16.87 22.09 -2.37
C ALA A 90 15.37 22.37 -2.25
N GLY A 91 14.66 22.13 -3.34
CA GLY A 91 13.21 22.30 -3.39
C GLY A 91 12.78 23.60 -4.04
N ILE A 92 11.63 24.11 -3.62
CA ILE A 92 11.10 25.32 -4.23
C ILE A 92 12.02 26.53 -3.96
N ASP A 93 12.23 27.33 -5.00
CA ASP A 93 12.92 28.62 -4.92
C ASP A 93 11.99 29.59 -4.17
N LEU A 94 12.28 29.84 -2.88
CA LEU A 94 11.39 30.65 -2.06
C LEU A 94 11.20 32.12 -2.49
N MET A 95 12.16 32.64 -3.26
CA MET A 95 12.02 33.97 -3.89
C MET A 95 10.77 34.00 -4.79
N ASP A 96 10.70 33.07 -5.74
CA ASP A 96 9.59 32.99 -6.70
C ASP A 96 8.26 32.56 -6.08
N MET A 97 8.32 31.68 -5.09
CA MET A 97 7.13 31.27 -4.34
C MET A 97 6.51 32.43 -3.56
N ALA A 98 7.36 33.38 -3.13
CA ALA A 98 6.90 34.59 -2.46
C ALA A 98 6.10 35.50 -3.42
N SER A 99 6.60 35.71 -4.63
CA SER A 99 5.87 36.48 -5.66
C SER A 99 4.41 36.04 -5.80
N ASP A 100 4.18 34.74 -5.86
CA ASP A 100 2.83 34.16 -5.98
C ASP A 100 1.96 34.28 -4.72
N ILE A 101 2.56 34.09 -3.55
CA ILE A 101 1.85 34.11 -2.27
C ILE A 101 1.87 35.46 -1.52
N LEU A 102 2.94 36.22 -1.65
CA LEU A 102 3.04 37.56 -1.03
C LEU A 102 2.34 38.65 -1.85
N GLN A 103 2.30 38.49 -3.18
CA GLN A 103 1.49 39.35 -4.03
C GLN A 103 0.46 38.51 -4.83
N PRO A 104 -0.62 38.05 -4.15
CA PRO A 104 -1.68 37.27 -4.84
C PRO A 104 -2.73 38.16 -5.49
N LYS A 105 -3.06 37.85 -6.74
CA LYS A 105 -4.06 38.59 -7.52
C LYS A 105 -5.50 38.29 -7.06
N GLY A 106 -6.32 39.33 -7.04
CA GLY A 106 -7.71 39.20 -6.58
C GLY A 106 -8.01 40.13 -5.42
N ASP A 107 -9.24 40.62 -5.38
CA ASP A 107 -9.66 41.57 -4.35
C ASP A 107 -9.76 40.89 -2.98
N ASP A 108 -10.86 40.21 -2.73
CA ASP A 108 -11.10 39.58 -1.43
C ASP A 108 -10.50 38.18 -1.33
N VAL A 109 -10.82 37.52 -0.22
CA VAL A 109 -10.29 36.20 0.11
C VAL A 109 -10.75 35.13 -0.91
N ALA A 110 -12.02 35.20 -1.32
CA ALA A 110 -12.57 34.23 -2.27
C ALA A 110 -11.83 34.33 -3.61
N ARG A 111 -11.61 35.55 -4.03
CA ARG A 111 -11.00 35.78 -5.32
C ARG A 111 -9.53 35.40 -5.30
N ILE A 112 -8.85 35.67 -4.17
CA ILE A 112 -7.51 35.15 -3.97
C ILE A 112 -7.45 33.61 -3.99
N SER A 113 -8.42 32.96 -3.33
CA SER A 113 -8.53 31.48 -3.32
C SER A 113 -8.54 30.92 -4.74
N TRP A 114 -9.41 31.46 -5.59
CA TRP A 114 -9.53 30.99 -6.98
C TRP A 114 -8.18 31.11 -7.66
N TYR A 115 -7.46 32.18 -7.38
CA TYR A 115 -6.16 32.44 -7.99
C TYR A 115 -5.11 31.43 -7.51
N LEU A 116 -5.10 31.14 -6.20
CA LEU A 116 -4.14 30.20 -5.64
C LEU A 116 -4.43 28.77 -6.08
N ARG A 117 -5.70 28.48 -6.27
CA ARG A 117 -6.08 27.15 -6.68
C ARG A 117 -5.51 26.83 -8.05
N ASP A 118 -5.57 27.83 -8.94
CA ASP A 118 -5.04 27.71 -10.27
C ASP A 118 -3.53 27.49 -10.23
N ILE A 119 -2.81 28.26 -9.40
CA ILE A 119 -1.38 28.10 -9.26
C ILE A 119 -1.04 26.70 -8.75
N ILE A 120 -1.72 26.24 -7.69
CA ILE A 120 -1.45 24.89 -7.13
C ILE A 120 -1.63 23.81 -8.22
N THR A 121 -2.73 23.90 -8.93
CA THR A 121 -3.06 22.94 -10.00
C THR A 121 -1.96 22.94 -11.09
N ARG A 122 -1.53 24.12 -11.52
CA ARG A 122 -0.48 24.20 -12.52
C ARG A 122 0.86 23.62 -12.04
N TYR A 123 1.23 23.91 -10.79
CA TYR A 123 2.41 23.29 -10.22
C TYR A 123 2.32 21.77 -10.07
N GLN A 124 1.14 21.27 -9.75
CA GLN A 124 0.88 19.81 -9.73
C GLN A 124 1.18 19.15 -11.11
N GLU A 125 0.92 19.87 -12.19
CA GLU A 125 1.16 19.39 -13.53
C GLU A 125 2.63 19.09 -13.82
N THR A 126 3.54 19.85 -13.21
CA THR A 126 4.98 19.58 -13.29
C THR A 126 5.37 18.12 -13.02
N PHE A 127 4.68 17.50 -12.07
CA PHE A 127 4.95 16.10 -11.73
C PHE A 127 3.92 15.14 -12.29
N ASN A 128 2.67 15.61 -12.54
CA ASN A 128 1.68 14.75 -13.20
C ASN A 128 2.19 14.26 -14.52
N VAL A 129 2.99 15.09 -15.21
CA VAL A 129 3.48 14.73 -16.55
C VAL A 129 4.42 13.53 -16.56
N ILE A 130 5.07 13.28 -15.42
CA ILE A 130 5.99 12.17 -15.26
C ILE A 130 5.19 10.88 -15.22
N GLU A 131 4.13 10.91 -14.42
CA GLU A 131 3.21 9.84 -14.27
CA GLU A 131 3.24 9.81 -14.36
C GLU A 131 2.43 9.52 -15.55
N ARG A 132 2.00 10.58 -16.27
CA ARG A 132 1.27 10.41 -17.52
C ARG A 132 2.13 9.91 -18.66
N CYS A 133 3.43 10.17 -18.58
CA CYS A 133 4.40 9.63 -19.55
C CYS A 133 4.39 8.09 -19.45
N PRO A 134 4.08 7.38 -20.55
CA PRO A 134 3.95 5.93 -20.36
C PRO A 134 5.27 5.16 -20.32
N LYS A 135 6.38 5.87 -20.50
CA LYS A 135 7.73 5.28 -20.34
C LYS A 135 8.12 5.29 -18.86
N PRO A 136 8.64 4.19 -18.32
CA PRO A 136 9.12 4.13 -16.92
C PRO A 136 10.11 5.26 -16.63
N VAL A 137 10.00 5.90 -15.47
CA VAL A 137 10.88 7.00 -15.09
C VAL A 137 11.56 6.66 -13.77
N ILE A 138 12.89 6.73 -13.79
CA ILE A 138 13.74 6.31 -12.69
C ILE A 138 14.41 7.54 -12.08
N ALA A 139 14.12 7.80 -10.82
CA ALA A 139 14.78 8.85 -10.04
C ALA A 139 16.11 8.29 -9.51
N ALA A 140 17.18 9.03 -9.75
CA ALA A 140 18.51 8.71 -9.25
C ALA A 140 18.95 9.90 -8.39
N VAL A 141 18.79 9.76 -7.08
CA VAL A 141 18.94 10.85 -6.12
C VAL A 141 20.27 10.72 -5.37
N HIS A 142 21.04 11.82 -5.35
CA HIS A 142 22.13 11.96 -4.42
C HIS A 142 21.97 13.25 -3.61
N GLY A 143 22.57 13.30 -2.43
CA GLY A 143 22.51 14.50 -1.61
C GLY A 143 21.07 14.77 -1.20
N GLY A 144 20.77 16.00 -0.85
CA GLY A 144 19.44 16.35 -0.38
C GLY A 144 18.39 16.28 -1.48
N CYS A 145 17.22 15.77 -1.12
CA CYS A 145 16.02 15.78 -1.95
C CYS A 145 14.94 16.31 -1.04
N ILE A 146 14.73 17.63 -1.13
CA ILE A 146 13.98 18.41 -0.13
C ILE A 146 12.71 19.02 -0.72
N GLY A 147 11.60 18.92 0.03
CA GLY A 147 10.33 19.52 -0.34
C GLY A 147 9.80 19.09 -1.70
N GLY A 148 9.86 20.02 -2.66
CA GLY A 148 9.52 19.77 -4.06
C GLY A 148 10.17 18.52 -4.65
N GLY A 149 11.43 18.26 -4.28
CA GLY A 149 12.10 17.04 -4.70
C GLY A 149 11.40 15.74 -4.35
N VAL A 150 10.76 15.69 -3.17
CA VAL A 150 10.01 14.49 -2.77
C VAL A 150 8.74 14.39 -3.61
N ASP A 151 8.09 15.54 -3.90
CA ASP A 151 6.90 15.54 -4.81
C ASP A 151 7.30 14.98 -6.19
N LEU A 152 8.50 15.38 -6.64
CA LEU A 152 9.06 14.91 -7.89
C LEU A 152 9.28 13.38 -7.91
N VAL A 153 10.11 12.88 -6.97
CA VAL A 153 10.50 11.48 -6.99
C VAL A 153 9.38 10.48 -6.66
N THR A 154 8.42 10.90 -5.86
CA THR A 154 7.25 10.07 -5.60
C THR A 154 6.35 9.94 -6.82
N ALA A 155 6.54 10.81 -7.81
CA ALA A 155 5.81 10.71 -9.09
C ALA A 155 6.57 9.82 -10.10
N CYS A 156 7.80 9.44 -9.79
CA CYS A 156 8.59 8.55 -10.64
C CYS A 156 8.19 7.13 -10.31
N ASP A 157 8.49 6.19 -11.21
CA ASP A 157 8.14 4.78 -11.01
CA ASP A 157 8.17 4.76 -11.09
C ASP A 157 9.09 4.00 -10.13
N ILE A 158 10.39 4.31 -10.25
CA ILE A 158 11.45 3.59 -9.53
C ILE A 158 12.39 4.64 -8.93
N ARG A 159 12.89 4.39 -7.72
CA ARG A 159 13.76 5.31 -7.02
C ARG A 159 15.00 4.57 -6.58
N TYR A 160 16.15 5.12 -6.99
CA TYR A 160 17.47 4.74 -6.48
C TYR A 160 18.13 5.92 -5.81
N CYS A 161 19.07 5.67 -4.90
CA CYS A 161 19.79 6.78 -4.31
C CYS A 161 21.23 6.42 -3.97
N ALA A 162 22.04 7.45 -3.74
CA ALA A 162 23.39 7.26 -3.20
C ALA A 162 23.38 7.21 -1.69
N GLN A 163 24.47 6.69 -1.10
CA GLN A 163 24.64 6.62 0.36
C GLN A 163 24.39 7.96 1.09
N ASP A 164 24.73 9.07 0.43
CA ASP A 164 24.66 10.41 0.98
C ASP A 164 23.30 11.09 0.79
N ALA A 165 22.32 10.36 0.27
CA ALA A 165 21.03 10.97 -0.05
C ALA A 165 20.18 11.11 1.21
N PHE A 166 19.29 12.09 1.21
CA PHE A 166 18.21 12.21 2.19
C PHE A 166 16.97 12.83 1.58
N PHE A 167 15.82 12.52 2.19
CA PHE A 167 14.51 12.91 1.71
C PHE A 167 13.84 13.65 2.85
N GLN A 168 13.20 14.77 2.53
CA GLN A 168 12.66 15.64 3.57
C GLN A 168 11.38 16.29 3.08
N VAL A 169 10.28 15.99 3.77
CA VAL A 169 8.97 16.59 3.44
C VAL A 169 8.93 17.89 4.21
N LYS A 170 9.57 18.90 3.61
CA LYS A 170 9.94 20.12 4.28
C LYS A 170 8.76 21.08 4.45
N GLU A 171 7.70 20.87 3.68
CA GLU A 171 6.62 21.86 3.57
C GLU A 171 6.09 22.41 4.91
N VAL A 172 5.82 21.54 5.90
CA VAL A 172 5.31 21.97 7.23
CA VAL A 172 5.34 21.94 7.13
C VAL A 172 6.23 22.99 7.92
N ASP A 173 7.53 22.89 7.68
CA ASP A 173 8.49 23.89 8.17
C ASP A 173 8.32 25.27 7.58
N VAL A 174 7.90 25.32 6.32
CA VAL A 174 7.63 26.56 5.59
C VAL A 174 6.25 27.15 5.95
N GLY A 175 5.32 26.32 6.45
CA GLY A 175 4.01 26.79 6.88
C GLY A 175 2.85 26.35 6.01
N LEU A 176 3.02 25.27 5.25
CA LEU A 176 1.93 24.70 4.45
C LEU A 176 1.98 23.17 4.43
N ALA A 177 0.84 22.57 4.15
CA ALA A 177 0.79 21.16 3.80
C ALA A 177 1.24 21.06 2.35
N ALA A 178 2.13 20.10 2.07
CA ALA A 178 2.56 19.81 0.71
C ALA A 178 1.34 19.65 -0.22
N ASP A 179 1.29 20.44 -1.30
CA ASP A 179 0.10 20.41 -2.17
C ASP A 179 0.43 20.09 -3.65
N VAL A 180 1.69 19.78 -3.97
CA VAL A 180 2.01 19.44 -5.36
C VAL A 180 2.28 17.96 -5.63
N GLY A 181 2.05 17.11 -4.64
CA GLY A 181 2.00 15.64 -4.88
C GLY A 181 2.50 14.72 -3.78
N THR A 182 3.44 15.19 -2.93
CA THR A 182 3.95 14.32 -1.88
C THR A 182 2.84 13.64 -1.04
N LEU A 183 1.86 14.42 -0.55
CA LEU A 183 0.86 13.82 0.36
C LEU A 183 -0.10 12.90 -0.40
N GLN A 184 -0.13 13.01 -1.71
CA GLN A 184 -0.99 12.12 -2.50
C GLN A 184 -0.29 10.83 -2.95
N ARG A 185 1.03 10.89 -3.16
CA ARG A 185 1.81 9.74 -3.69
C ARG A 185 2.71 9.04 -2.69
N LEU A 186 3.35 9.78 -1.77
CA LEU A 186 4.21 9.14 -0.77
C LEU A 186 3.47 8.04 -0.01
N PRO A 187 2.24 8.33 0.47
CA PRO A 187 1.58 7.26 1.20
C PRO A 187 1.21 6.03 0.35
N LYS A 188 1.27 6.16 -0.99
CA LYS A 188 0.95 5.04 -1.88
C LYS A 188 2.21 4.34 -2.36
N VAL A 189 3.39 4.90 -2.14
CA VAL A 189 4.59 4.21 -2.67
C VAL A 189 5.36 3.37 -1.62
N ILE A 190 5.05 3.53 -0.34
CA ILE A 190 5.68 2.71 0.71
C ILE A 190 4.63 2.14 1.64
N GLY A 191 4.96 1.14 2.44
CA GLY A 191 3.90 0.50 3.22
C GLY A 191 3.68 1.15 4.58
N ASN A 192 4.74 1.68 5.19
CA ASN A 192 4.73 2.08 6.61
C ASN A 192 4.13 3.48 6.78
N GLN A 193 2.86 3.54 7.18
CA GLN A 193 2.13 4.81 7.26
C GLN A 193 2.45 5.57 8.54
N SER A 194 2.83 4.85 9.59
CA SER A 194 3.35 5.50 10.79
C SER A 194 4.59 6.38 10.42
N LEU A 195 5.46 5.81 9.62
CA LEU A 195 6.62 6.54 9.11
C LEU A 195 6.22 7.71 8.18
N VAL A 196 5.31 7.45 7.22
CA VAL A 196 4.80 8.51 6.32
C VAL A 196 4.31 9.71 7.14
N ASN A 197 3.46 9.45 8.13
CA ASN A 197 2.87 10.48 8.97
C ASN A 197 3.95 11.23 9.77
N GLU A 198 4.85 10.48 10.41
CA GLU A 198 5.96 11.11 11.12
C GLU A 198 6.78 12.06 10.22
N LEU A 199 7.18 11.60 9.04
CA LEU A 199 7.93 12.45 8.09
C LEU A 199 7.17 13.72 7.71
N ALA A 200 5.88 13.57 7.39
CA ALA A 200 5.06 14.67 6.98
C ALA A 200 4.81 15.71 8.08
N PHE A 201 4.67 15.24 9.32
CA PHE A 201 4.31 16.14 10.43
C PHE A 201 5.54 16.82 11.02
N THR A 202 6.72 16.22 10.87
CA THR A 202 7.92 16.75 11.55
C THR A 202 8.91 17.40 10.58
N ALA A 203 8.74 17.15 9.27
CA ALA A 203 9.72 17.61 8.25
C ALA A 203 11.14 17.15 8.53
N ARG A 204 11.29 16.00 9.21
CA ARG A 204 12.62 15.52 9.52
C ARG A 204 13.27 14.91 8.29
N LYS A 205 14.59 14.80 8.32
CA LYS A 205 15.33 14.20 7.19
C LYS A 205 15.37 12.68 7.30
N MET A 206 15.09 11.98 6.22
CA MET A 206 15.23 10.53 6.23
C MET A 206 16.44 10.15 5.38
N MET A 207 17.47 9.56 6.01
CA MET A 207 18.70 9.20 5.35
C MET A 207 18.59 7.93 4.49
N ALA A 208 19.63 7.65 3.72
CA ALA A 208 19.58 6.60 2.69
C ALA A 208 19.24 5.23 3.26
N ASP A 209 19.82 4.90 4.40
CA ASP A 209 19.58 3.56 4.95
C ASP A 209 18.15 3.30 5.40
N GLU A 210 17.54 4.31 6.03
CA GLU A 210 16.11 4.23 6.35
C GLU A 210 15.23 4.28 5.07
N ALA A 211 15.65 5.03 4.06
CA ALA A 211 14.87 5.13 2.85
C ALA A 211 14.82 3.75 2.19
N LEU A 212 15.88 2.97 2.30
CA LEU A 212 15.91 1.63 1.73
C LEU A 212 15.07 0.64 2.56
N GLY A 213 15.19 0.73 3.88
CA GLY A 213 14.50 -0.14 4.82
C GLY A 213 13.00 0.05 4.70
N SER A 214 12.58 1.31 4.53
CA SER A 214 11.16 1.65 4.34
C SER A 214 10.60 1.32 2.93
N GLY A 215 11.50 1.08 1.98
CA GLY A 215 11.14 0.80 0.60
C GLY A 215 10.89 2.04 -0.25
N LEU A 216 11.28 3.23 0.22
CA LEU A 216 11.10 4.44 -0.61
C LEU A 216 12.06 4.38 -1.81
N VAL A 217 13.29 3.93 -1.54
CA VAL A 217 14.19 3.56 -2.61
C VAL A 217 14.27 2.02 -2.73
N SER A 218 14.50 1.57 -3.95
CA SER A 218 14.71 0.18 -4.34
C SER A 218 16.19 -0.28 -4.10
N ARG A 219 17.15 0.63 -4.26
CA ARG A 219 18.58 0.29 -4.16
C ARG A 219 19.34 1.50 -3.71
N VAL A 220 20.40 1.27 -2.92
CA VAL A 220 21.34 2.32 -2.51
C VAL A 220 22.73 1.94 -2.99
N PHE A 221 23.47 2.97 -3.43
CA PHE A 221 24.80 2.80 -4.02
C PHE A 221 25.79 3.67 -3.30
N PRO A 222 27.09 3.28 -3.33
CA PRO A 222 28.10 3.99 -2.54
C PRO A 222 28.31 5.44 -2.97
N ASP A 223 28.09 5.75 -4.24
CA ASP A 223 28.28 7.11 -4.73
C ASP A 223 27.40 7.45 -5.93
N LYS A 224 27.33 8.74 -6.24
CA LYS A 224 26.49 9.25 -7.33
C LYS A 224 26.84 8.62 -8.67
N GLU A 225 28.13 8.43 -8.95
CA GLU A 225 28.57 7.86 -10.23
C GLU A 225 28.12 6.38 -10.39
N VAL A 226 28.34 5.59 -9.35
CA VAL A 226 27.89 4.19 -9.32
C VAL A 226 26.35 4.13 -9.40
N MET A 227 25.66 4.98 -8.64
CA MET A 227 24.21 5.06 -8.72
C MET A 227 23.76 5.35 -10.15
N LEU A 228 24.31 6.40 -10.74
CA LEU A 228 23.87 6.88 -12.02
C LEU A 228 24.06 5.79 -13.08
N ASP A 229 25.22 5.12 -13.08
CA ASP A 229 25.44 3.98 -14.00
C ASP A 229 24.42 2.89 -13.84
N ALA A 230 24.05 2.56 -12.59
CA ALA A 230 23.05 1.52 -12.31
C ALA A 230 21.69 1.92 -12.84
N ALA A 231 21.31 3.18 -12.64
CA ALA A 231 20.01 3.69 -13.12
C ALA A 231 19.89 3.62 -14.64
N LEU A 232 20.97 4.00 -15.31
CA LEU A 232 21.06 3.92 -16.86
C LEU A 232 20.99 2.51 -17.28
N ALA A 233 21.65 1.60 -16.56
CA ALA A 233 21.65 0.18 -16.94
C ALA A 233 20.27 -0.46 -16.74
N LEU A 234 19.57 -0.01 -15.69
CA LEU A 234 18.21 -0.43 -15.48
C LEU A 234 17.35 0.11 -16.64
N ALA A 235 17.52 1.39 -16.98
CA ALA A 235 16.77 1.98 -18.12
C ALA A 235 17.04 1.22 -19.40
N ALA A 236 18.29 0.82 -19.63
CA ALA A 236 18.65 0.03 -20.82
C ALA A 236 18.02 -1.37 -20.83
N GLU A 237 17.90 -1.97 -19.65
CA GLU A 237 17.29 -3.28 -19.50
C GLU A 237 15.78 -3.20 -19.82
N ILE A 238 15.13 -2.17 -19.30
CA ILE A 238 13.71 -1.89 -19.61
C ILE A 238 13.53 -1.60 -21.14
N SER A 239 14.47 -0.84 -21.70
CA SER A 239 14.49 -0.49 -23.14
C SER A 239 14.69 -1.69 -24.07
N SER A 240 15.21 -2.82 -23.54
CA SER A 240 15.38 -4.08 -24.28
C SER A 240 14.07 -4.87 -24.51
N LYS A 241 13.06 -4.59 -23.70
CA LYS A 241 11.76 -5.28 -23.78
C LYS A 241 10.86 -4.58 -24.80
N SER A 242 9.83 -5.28 -25.24
CA SER A 242 8.78 -4.70 -26.08
C SER A 242 8.29 -3.39 -25.44
N PRO A 243 8.29 -2.27 -26.21
CA PRO A 243 7.73 -1.00 -25.70
C PRO A 243 6.22 -1.07 -25.49
N VAL A 244 5.50 -1.80 -26.33
CA VAL A 244 4.05 -2.06 -26.09
C VAL A 244 3.82 -2.69 -24.67
N ALA A 245 4.55 -3.76 -24.37
CA ALA A 245 4.41 -4.47 -23.13
C ALA A 245 4.83 -3.60 -21.91
N VAL A 246 5.96 -2.91 -22.04
CA VAL A 246 6.43 -2.09 -20.91
C VAL A 246 5.47 -0.90 -20.68
N GLN A 247 5.10 -0.20 -21.75
CA GLN A 247 4.20 0.96 -21.63
C GLN A 247 2.81 0.53 -21.14
N SER A 248 2.33 -0.60 -21.63
CA SER A 248 1.06 -1.15 -21.16
C SER A 248 1.12 -1.52 -19.67
N THR A 249 2.29 -1.96 -19.22
CA THR A 249 2.54 -2.33 -17.84
C THR A 249 2.47 -1.11 -16.93
N LYS A 250 3.06 0.00 -17.36
CA LYS A 250 3.00 1.23 -16.55
C LYS A 250 1.56 1.74 -16.45
N VAL A 251 0.91 1.81 -17.61
CA VAL A 251 -0.50 2.29 -17.66
C VAL A 251 -1.36 1.47 -16.66
N ASN A 252 -1.21 0.14 -16.69
CA ASN A 252 -2.00 -0.73 -15.86
C ASN A 252 -1.63 -0.79 -14.39
N LEU A 253 -0.34 -0.67 -14.09
CA LEU A 253 0.08 -0.45 -12.70
C LEU A 253 -0.50 0.85 -12.12
N LEU A 254 -0.50 1.94 -12.89
CA LEU A 254 -1.04 3.19 -12.35
C LEU A 254 -2.56 3.04 -12.15
N TYR A 255 -3.21 2.36 -13.08
CA TYR A 255 -4.66 2.25 -13.01
C TYR A 255 -4.98 1.39 -11.77
N SER A 256 -4.19 0.35 -11.53
CA SER A 256 -4.42 -0.55 -10.37
C SER A 256 -4.25 0.14 -9.03
N ARG A 257 -3.33 1.08 -8.96
CA ARG A 257 -3.10 1.87 -7.75
C ARG A 257 -4.38 2.58 -7.32
N ASP A 258 -5.12 3.08 -8.30
CA ASP A 258 -6.24 3.97 -8.03
C ASP A 258 -7.61 3.30 -8.11
N HIS A 259 -7.69 1.98 -8.38
CA HIS A 259 -9.02 1.32 -8.61
C HIS A 259 -9.06 -0.01 -7.87
N SER A 260 -10.27 -0.52 -7.66
CA SER A 260 -10.40 -1.83 -7.05
C SER A 260 -9.76 -2.92 -7.94
N VAL A 261 -9.46 -4.07 -7.36
CA VAL A 261 -8.95 -5.18 -8.17
C VAL A 261 -9.94 -5.55 -9.29
N ALA A 262 -11.25 -5.61 -8.99
CA ALA A 262 -12.25 -6.01 -10.04
C ALA A 262 -12.28 -4.98 -11.20
N GLU A 263 -12.23 -3.68 -10.86
CA GLU A 263 -12.21 -2.61 -11.90
C GLU A 263 -10.91 -2.69 -12.76
N SER A 264 -9.80 -3.00 -12.10
CA SER A 264 -8.49 -3.00 -12.72
C SER A 264 -8.36 -4.23 -13.60
N LEU A 265 -8.93 -5.36 -13.17
CA LEU A 265 -9.00 -6.58 -14.04
C LEU A 265 -9.85 -6.31 -15.30
N ASN A 266 -10.95 -5.63 -15.12
CA ASN A 266 -11.76 -5.27 -16.24
C ASN A 266 -10.96 -4.36 -17.21
N TYR A 267 -10.29 -3.38 -16.63
CA TYR A 267 -9.53 -2.39 -17.43
C TYR A 267 -8.40 -3.04 -18.26
N VAL A 268 -7.62 -3.92 -17.62
CA VAL A 268 -6.52 -4.59 -18.30
C VAL A 268 -7.00 -5.54 -19.45
N ALA A 269 -8.17 -6.15 -19.28
CA ALA A 269 -8.77 -6.95 -20.33
C ALA A 269 -9.12 -6.04 -21.52
N SER A 270 -9.72 -4.89 -21.24
CA SER A 270 -10.06 -3.91 -22.32
C SER A 270 -8.81 -3.29 -22.97
N TRP A 271 -7.75 -3.13 -22.19
CA TRP A 271 -6.50 -2.58 -22.68
C TRP A 271 -5.76 -3.62 -23.58
N ASN A 272 -5.56 -4.81 -23.05
CA ASN A 272 -4.82 -5.83 -23.77
C ASN A 272 -5.56 -6.44 -24.97
N MET A 273 -6.87 -6.24 -25.11
CA MET A 273 -7.57 -6.80 -26.25
C MET A 273 -7.04 -6.18 -27.56
N SER A 274 -6.53 -4.93 -27.51
CA SER A 274 -5.79 -4.39 -28.68
C SER A 274 -4.29 -4.71 -28.55
N MET A 275 -3.73 -4.56 -27.36
CA MET A 275 -2.27 -4.66 -27.22
C MET A 275 -1.69 -6.06 -27.45
N LEU A 276 -2.47 -7.11 -27.26
CA LEU A 276 -2.01 -8.46 -27.64
C LEU A 276 -1.82 -8.68 -29.16
N GLN A 277 -2.39 -7.79 -29.99
CA GLN A 277 -2.29 -7.87 -31.44
C GLN A 277 -1.03 -7.11 -31.90
N THR A 278 0.13 -7.66 -31.55
CA THR A 278 1.40 -7.06 -31.93
C THR A 278 2.39 -8.15 -32.28
N GLN A 279 3.19 -7.90 -33.32
CA GLN A 279 4.28 -8.79 -33.70
C GLN A 279 5.30 -8.96 -32.56
N ASP A 280 5.33 -8.01 -31.61
CA ASP A 280 6.21 -8.08 -30.43
C ASP A 280 5.98 -9.36 -29.63
N LEU A 281 4.71 -9.77 -29.56
CA LEU A 281 4.28 -10.93 -28.82
C LEU A 281 4.61 -12.16 -29.67
N VAL A 282 4.23 -12.11 -30.94
CA VAL A 282 4.46 -13.22 -31.85
C VAL A 282 5.96 -13.58 -31.86
N LYS A 283 6.83 -12.59 -32.04
CA LYS A 283 8.27 -12.74 -32.06
C LYS A 283 8.79 -13.24 -30.71
N SER A 284 8.30 -12.73 -29.60
CA SER A 284 8.72 -13.17 -28.26
C SER A 284 8.34 -14.62 -27.95
N VAL A 285 7.17 -15.04 -28.40
CA VAL A 285 6.73 -16.43 -28.23
C VAL A 285 7.48 -17.38 -29.19
N GLN A 286 7.66 -16.99 -30.45
CA GLN A 286 8.39 -17.81 -31.43
C GLN A 286 9.86 -17.98 -31.05
N ALA A 287 10.42 -16.97 -30.40
CA ALA A 287 11.80 -16.97 -29.87
C ALA A 287 12.00 -17.98 -28.74
N THR A 288 11.14 -17.89 -27.71
CA THR A 288 11.16 -18.81 -26.56
C THR A 288 10.61 -20.22 -26.90
N THR A 289 10.24 -20.43 -28.17
CA THR A 289 9.70 -21.71 -28.66
C THR A 289 10.62 -22.35 -29.70
N MET B 23 -6.95 -38.87 -1.37
CA MET B 23 -7.63 -38.10 -2.43
C MET B 23 -9.06 -37.73 -2.02
N ALA B 24 -9.39 -36.44 -2.11
CA ALA B 24 -10.67 -35.95 -1.59
C ALA B 24 -11.84 -36.41 -2.44
N PRO B 25 -12.94 -36.79 -1.78
CA PRO B 25 -14.14 -37.11 -2.57
C PRO B 25 -14.66 -35.88 -3.32
N ASP B 26 -15.03 -36.08 -4.59
CA ASP B 26 -15.60 -35.02 -5.44
C ASP B 26 -14.51 -34.22 -6.21
N HIS B 27 -13.23 -34.61 -6.04
CA HIS B 27 -12.11 -33.89 -6.67
C HIS B 27 -11.19 -34.79 -7.51
N SER B 28 -11.40 -34.78 -8.82
CA SER B 28 -10.53 -35.49 -9.75
C SER B 28 -10.21 -34.54 -10.91
N TYR B 29 -8.92 -34.42 -11.26
CA TYR B 29 -8.53 -33.44 -12.27
C TYR B 29 -7.32 -33.97 -13.00
N GLU B 30 -7.15 -33.54 -14.25
CA GLU B 30 -5.96 -33.86 -15.02
C GLU B 30 -4.73 -33.13 -14.50
N SER B 31 -4.89 -31.86 -14.14
CA SER B 31 -3.73 -30.99 -13.90
C SER B 31 -3.51 -30.74 -12.41
N LEU B 32 -4.46 -31.14 -11.59
CA LEU B 32 -4.47 -30.86 -10.16
C LEU B 32 -4.65 -32.14 -9.36
N ARG B 33 -3.99 -32.21 -8.20
CA ARG B 33 -4.28 -33.28 -7.22
C ARG B 33 -4.74 -32.68 -5.89
N VAL B 34 -5.93 -33.10 -5.44
CA VAL B 34 -6.53 -32.59 -4.20
C VAL B 34 -6.63 -33.68 -3.11
N THR B 35 -5.96 -33.44 -1.99
CA THR B 35 -5.97 -34.35 -0.86
C THR B 35 -6.42 -33.64 0.42
N SER B 36 -6.88 -34.43 1.40
CA SER B 36 -7.42 -33.85 2.61
C SER B 36 -7.01 -34.66 3.81
N ALA B 37 -5.73 -34.66 4.16
CA ALA B 37 -5.33 -35.44 5.35
C ALA B 37 -5.86 -34.80 6.65
N GLN B 38 -5.44 -33.56 6.92
CA GLN B 38 -5.81 -32.90 8.17
C GLN B 38 -7.26 -32.45 8.15
N LYS B 39 -7.92 -32.56 9.29
CA LYS B 39 -9.32 -32.21 9.45
C LYS B 39 -9.58 -30.79 8.96
N HIS B 40 -10.59 -30.62 8.09
CA HIS B 40 -11.05 -29.32 7.56
C HIS B 40 -10.13 -28.67 6.52
N VAL B 41 -8.98 -29.29 6.29
CA VAL B 41 -7.97 -28.74 5.40
C VAL B 41 -7.94 -29.51 4.08
N LEU B 42 -7.96 -28.77 2.98
CA LEU B 42 -7.71 -29.32 1.65
C LEU B 42 -6.35 -28.85 1.13
N HIS B 43 -5.64 -29.74 0.47
CA HIS B 43 -4.34 -29.43 -0.12
C HIS B 43 -4.45 -29.56 -1.65
N VAL B 44 -4.37 -28.43 -2.35
CA VAL B 44 -4.44 -28.44 -3.81
C VAL B 44 -3.01 -28.41 -4.36
N GLN B 45 -2.64 -29.43 -5.15
CA GLN B 45 -1.30 -29.54 -5.72
C GLN B 45 -1.32 -29.47 -7.25
N LEU B 46 -0.61 -28.48 -7.80
CA LEU B 46 -0.38 -28.40 -9.25
C LEU B 46 0.38 -29.64 -9.61
N ASN B 47 -0.13 -30.35 -10.60
CA ASN B 47 0.34 -31.70 -10.86
C ASN B 47 0.67 -32.03 -12.33
N ARG B 48 1.66 -31.32 -12.87
CA ARG B 48 2.33 -31.68 -14.13
C ARG B 48 3.84 -31.52 -13.91
N PRO B 49 4.41 -32.26 -12.93
CA PRO B 49 5.84 -32.11 -12.62
C PRO B 49 6.71 -32.30 -13.85
N ASN B 50 6.30 -33.26 -14.68
CA ASN B 50 6.85 -33.52 -16.00
C ASN B 50 7.10 -32.25 -16.83
N LYS B 51 6.18 -31.29 -16.74
CA LYS B 51 6.25 -30.04 -17.52
C LYS B 51 6.38 -28.83 -16.62
N ARG B 52 6.98 -29.03 -15.45
CA ARG B 52 7.21 -27.95 -14.47
C ARG B 52 5.92 -27.22 -14.10
N ASN B 53 4.83 -27.97 -14.02
CA ASN B 53 3.50 -27.40 -13.76
C ASN B 53 3.15 -26.17 -14.63
N ALA B 54 3.67 -26.15 -15.84
CA ALA B 54 3.21 -25.19 -16.87
C ALA B 54 1.68 -25.27 -16.98
N MET B 55 1.05 -24.11 -17.14
CA MET B 55 -0.41 -23.98 -17.11
C MET B 55 -0.95 -24.10 -18.51
N ASN B 56 -1.42 -25.31 -18.82
CA ASN B 56 -2.08 -25.59 -20.10
C ASN B 56 -3.58 -25.32 -19.99
N LYS B 57 -4.32 -25.50 -21.08
CA LYS B 57 -5.75 -25.09 -21.11
C LYS B 57 -6.62 -25.80 -20.07
N VAL B 58 -6.37 -27.09 -19.86
CA VAL B 58 -7.14 -27.89 -18.90
C VAL B 58 -7.03 -27.22 -17.52
N PHE B 59 -5.82 -26.79 -17.16
CA PHE B 59 -5.57 -26.18 -15.86
C PHE B 59 -6.49 -24.99 -15.60
N TRP B 60 -6.61 -24.08 -16.59
CA TRP B 60 -7.40 -22.84 -16.43
C TRP B 60 -8.83 -23.19 -16.04
N ARG B 61 -9.41 -24.21 -16.67
CA ARG B 61 -10.77 -24.67 -16.41
C ARG B 61 -10.87 -25.40 -15.07
N GLU B 62 -9.91 -26.24 -14.74
CA GLU B 62 -10.04 -27.14 -13.59
C GLU B 62 -9.86 -26.40 -12.27
N MET B 63 -9.09 -25.31 -12.30
CA MET B 63 -8.96 -24.45 -11.13
C MET B 63 -10.31 -23.86 -10.74
N VAL B 64 -11.02 -23.34 -11.75
CA VAL B 64 -12.36 -22.79 -11.55
C VAL B 64 -13.28 -23.86 -10.93
N GLU B 65 -13.35 -25.03 -11.57
CA GLU B 65 -14.16 -26.14 -11.06
C GLU B 65 -13.83 -26.50 -9.61
N CYS B 66 -12.53 -26.60 -9.33
CA CYS B 66 -12.00 -26.98 -8.03
C CYS B 66 -12.30 -25.99 -6.91
N PHE B 67 -12.00 -24.69 -7.12
CA PHE B 67 -12.22 -23.69 -6.10
C PHE B 67 -13.66 -23.32 -5.90
N ASN B 68 -14.47 -23.42 -6.95
CA ASN B 68 -15.90 -23.25 -6.77
C ASN B 68 -16.54 -24.37 -5.91
N LYS B 69 -16.12 -25.61 -6.15
CA LYS B 69 -16.43 -26.72 -5.24
C LYS B 69 -15.97 -26.43 -3.80
N ILE B 70 -14.70 -26.04 -3.64
CA ILE B 70 -14.16 -25.72 -2.31
C ILE B 70 -15.01 -24.64 -1.61
N SER B 71 -15.42 -23.60 -2.35
CA SER B 71 -16.21 -22.53 -1.76
C SER B 71 -17.53 -23.04 -1.19
N ARG B 72 -18.07 -24.10 -1.79
CA ARG B 72 -19.37 -24.64 -1.35
C ARG B 72 -19.27 -25.78 -0.33
N ASP B 73 -18.03 -26.14 0.04
CA ASP B 73 -17.76 -27.23 0.99
C ASP B 73 -17.73 -26.74 2.42
N ALA B 74 -18.82 -26.98 3.14
CA ALA B 74 -18.96 -26.51 4.52
C ALA B 74 -17.90 -27.15 5.43
N ASP B 75 -17.44 -28.35 5.06
CA ASP B 75 -16.41 -29.05 5.80
C ASP B 75 -14.99 -28.49 5.67
N CYS B 76 -14.72 -27.77 4.59
CA CYS B 76 -13.39 -27.19 4.40
C CYS B 76 -13.32 -25.80 5.05
N ARG B 77 -12.23 -25.55 5.79
CA ARG B 77 -12.01 -24.31 6.51
C ARG B 77 -10.74 -23.57 6.05
N ALA B 78 -9.84 -24.28 5.37
CA ALA B 78 -8.59 -23.67 4.89
C ALA B 78 -8.00 -24.50 3.76
N VAL B 79 -7.21 -23.85 2.91
CA VAL B 79 -6.63 -24.47 1.71
C VAL B 79 -5.14 -24.15 1.64
N VAL B 80 -4.34 -25.14 1.25
CA VAL B 80 -2.94 -24.94 0.90
C VAL B 80 -2.78 -25.30 -0.59
N ILE B 81 -2.00 -24.47 -1.31
CA ILE B 81 -1.68 -24.74 -2.72
C ILE B 81 -0.17 -24.84 -2.84
N SER B 82 0.28 -25.95 -3.41
CA SER B 82 1.70 -26.18 -3.71
C SER B 82 1.86 -26.81 -5.10
N GLY B 83 3.10 -27.07 -5.50
CA GLY B 83 3.40 -27.63 -6.79
C GLY B 83 4.20 -28.91 -6.65
N ALA B 84 3.84 -29.91 -7.44
CA ALA B 84 4.58 -31.16 -7.50
C ALA B 84 5.89 -31.00 -8.23
N GLY B 85 6.88 -31.82 -7.88
CA GLY B 85 8.15 -31.84 -8.60
C GLY B 85 9.15 -30.79 -8.19
N LYS B 86 9.96 -30.34 -9.15
CA LYS B 86 11.12 -29.50 -8.85
C LYS B 86 10.80 -28.03 -8.59
N MET B 87 9.63 -27.56 -9.06
CA MET B 87 9.26 -26.16 -8.87
C MET B 87 7.76 -25.92 -8.80
N PHE B 88 7.40 -24.81 -8.17
CA PHE B 88 6.00 -24.43 -8.03
C PHE B 88 5.29 -24.39 -9.42
N THR B 89 5.75 -23.52 -10.32
CA THR B 89 5.28 -23.43 -11.70
C THR B 89 6.17 -22.61 -12.63
N ALA B 90 6.29 -23.08 -13.86
CA ALA B 90 6.97 -22.39 -14.93
C ALA B 90 6.06 -21.32 -15.58
N GLY B 91 4.78 -21.31 -15.20
CA GLY B 91 3.81 -20.34 -15.74
C GLY B 91 3.01 -20.90 -16.90
N ILE B 92 2.52 -20.02 -17.77
CA ILE B 92 1.65 -20.44 -18.85
C ILE B 92 2.36 -21.35 -19.88
N ASP B 93 1.64 -22.36 -20.35
CA ASP B 93 2.15 -23.26 -21.38
C ASP B 93 2.14 -22.52 -22.73
N LEU B 94 3.31 -22.06 -23.17
CA LEU B 94 3.42 -21.21 -24.37
C LEU B 94 2.94 -21.85 -25.70
N MET B 95 2.90 -23.19 -25.75
CA MET B 95 2.26 -23.90 -26.86
C MET B 95 0.78 -23.52 -26.98
N ASP B 96 0.05 -23.66 -25.87
CA ASP B 96 -1.41 -23.41 -25.83
C ASP B 96 -1.77 -21.92 -25.95
N MET B 97 -0.93 -21.05 -25.39
CA MET B 97 -1.11 -19.60 -25.48
C MET B 97 -0.95 -19.12 -26.93
N ALA B 98 -0.10 -19.82 -27.69
CA ALA B 98 0.06 -19.56 -29.13
C ALA B 98 -1.24 -19.85 -29.92
N SER B 99 -1.84 -21.01 -29.69
CA SER B 99 -3.11 -21.37 -30.33
C SER B 99 -4.14 -20.22 -30.24
N ASP B 100 -4.26 -19.63 -29.06
CA ASP B 100 -5.20 -18.51 -28.82
C ASP B 100 -4.79 -17.19 -29.50
N ILE B 101 -3.49 -16.88 -29.48
CA ILE B 101 -2.97 -15.61 -30.00
C ILE B 101 -2.44 -15.67 -31.46
N LEU B 102 -1.88 -16.81 -31.87
CA LEU B 102 -1.40 -17.00 -33.27
C LEU B 102 -2.52 -17.36 -34.24
N GLN B 103 -3.56 -18.03 -33.76
CA GLN B 103 -4.76 -18.25 -34.54
C GLN B 103 -6.01 -17.67 -33.83
N PRO B 104 -6.16 -16.32 -33.85
CA PRO B 104 -7.33 -15.68 -33.23
C PRO B 104 -8.55 -15.62 -34.16
N LYS B 105 -9.71 -15.99 -33.61
CA LYS B 105 -11.00 -15.97 -34.34
C LYS B 105 -11.57 -14.56 -34.54
N GLY B 106 -12.13 -14.31 -35.72
CA GLY B 106 -12.65 -13.00 -36.09
C GLY B 106 -11.95 -12.46 -37.33
N ASP B 107 -12.71 -11.68 -38.11
CA ASP B 107 -12.20 -11.12 -39.37
C ASP B 107 -11.23 -9.95 -39.14
N ASP B 108 -11.79 -8.77 -38.84
CA ASP B 108 -11.02 -7.53 -38.61
C ASP B 108 -10.56 -7.33 -37.18
N VAL B 109 -9.80 -6.26 -36.94
CA VAL B 109 -9.17 -5.99 -35.65
C VAL B 109 -10.19 -5.86 -34.53
N ALA B 110 -11.23 -5.05 -34.75
CA ALA B 110 -12.25 -4.89 -33.72
C ALA B 110 -12.87 -6.24 -33.30
N ARG B 111 -13.19 -7.10 -34.27
CA ARG B 111 -13.75 -8.43 -33.96
C ARG B 111 -12.76 -9.38 -33.25
N ILE B 112 -11.49 -9.36 -33.68
CA ILE B 112 -10.43 -10.01 -32.92
C ILE B 112 -10.35 -9.51 -31.46
N SER B 113 -10.43 -8.18 -31.27
CA SER B 113 -10.41 -7.60 -29.91
C SER B 113 -11.51 -8.19 -28.99
N TRP B 114 -12.75 -8.27 -29.46
CA TRP B 114 -13.85 -8.80 -28.66
C TRP B 114 -13.54 -10.26 -28.26
N TYR B 115 -12.99 -11.01 -29.21
CA TYR B 115 -12.61 -12.39 -28.98
C TYR B 115 -11.53 -12.50 -27.90
N LEU B 116 -10.48 -11.68 -28.03
CA LEU B 116 -9.38 -11.67 -27.06
C LEU B 116 -9.83 -11.21 -25.69
N ARG B 117 -10.70 -10.21 -25.64
CA ARG B 117 -11.18 -9.73 -24.34
C ARG B 117 -11.87 -10.85 -23.53
N ASP B 118 -12.73 -11.61 -24.19
CA ASP B 118 -13.38 -12.73 -23.55
C ASP B 118 -12.40 -13.78 -23.03
N ILE B 119 -11.34 -14.08 -23.80
CA ILE B 119 -10.33 -15.06 -23.37
C ILE B 119 -9.60 -14.52 -22.13
N ILE B 120 -9.23 -13.24 -22.16
CA ILE B 120 -8.52 -12.64 -21.01
C ILE B 120 -9.39 -12.79 -19.76
N THR B 121 -10.68 -12.44 -19.89
CA THR B 121 -11.61 -12.45 -18.76
C THR B 121 -11.77 -13.88 -18.17
N ARG B 122 -11.88 -14.87 -19.06
CA ARG B 122 -11.90 -16.26 -18.67
C ARG B 122 -10.65 -16.71 -17.92
N TYR B 123 -9.46 -16.37 -18.44
CA TYR B 123 -8.21 -16.69 -17.74
C TYR B 123 -8.07 -16.00 -16.38
N GLN B 124 -8.63 -14.80 -16.25
CA GLN B 124 -8.63 -14.06 -14.95
C GLN B 124 -9.46 -14.82 -13.88
N GLU B 125 -10.54 -15.45 -14.34
CA GLU B 125 -11.43 -16.25 -13.48
C GLU B 125 -10.71 -17.41 -12.76
N THR B 126 -9.73 -18.02 -13.41
CA THR B 126 -8.85 -19.03 -12.82
C THR B 126 -8.28 -18.62 -11.46
N PHE B 127 -7.92 -17.35 -11.28
CA PHE B 127 -7.35 -16.88 -10.01
C PHE B 127 -8.36 -16.08 -9.21
N ASN B 128 -9.34 -15.46 -9.87
CA ASN B 128 -10.47 -14.84 -9.18
C ASN B 128 -11.13 -15.81 -8.18
N VAL B 129 -11.27 -17.07 -8.59
CA VAL B 129 -12.00 -18.03 -7.78
C VAL B 129 -11.30 -18.29 -6.44
N ILE B 130 -9.99 -18.09 -6.42
CA ILE B 130 -9.19 -18.26 -5.20
C ILE B 130 -9.60 -17.17 -4.20
N GLU B 131 -9.76 -15.96 -4.74
CA GLU B 131 -10.08 -14.79 -3.94
C GLU B 131 -11.57 -14.89 -3.51
N ARG B 132 -12.45 -15.35 -4.41
CA ARG B 132 -13.87 -15.52 -4.05
C ARG B 132 -14.13 -16.62 -3.02
N CYS B 133 -13.25 -17.62 -2.99
CA CYS B 133 -13.30 -18.67 -1.98
C CYS B 133 -13.12 -18.04 -0.60
N PRO B 134 -14.14 -18.11 0.28
CA PRO B 134 -13.98 -17.39 1.56
C PRO B 134 -13.13 -18.11 2.59
N LYS B 135 -12.70 -19.34 2.29
CA LYS B 135 -11.72 -20.05 3.13
C LYS B 135 -10.34 -19.48 2.82
N PRO B 136 -9.53 -19.20 3.85
CA PRO B 136 -8.17 -18.72 3.55
C PRO B 136 -7.39 -19.73 2.71
N VAL B 137 -6.62 -19.21 1.75
CA VAL B 137 -5.79 -20.00 0.86
C VAL B 137 -4.33 -19.56 1.04
N ILE B 138 -3.50 -20.53 1.39
CA ILE B 138 -2.07 -20.35 1.69
C ILE B 138 -1.26 -20.94 0.54
N ALA B 139 -0.46 -20.11 -0.10
CA ALA B 139 0.52 -20.58 -1.09
C ALA B 139 1.84 -21.00 -0.42
N ALA B 140 2.34 -22.16 -0.85
CA ALA B 140 3.57 -22.78 -0.36
C ALA B 140 4.49 -22.99 -1.57
N VAL B 141 5.38 -22.04 -1.79
CA VAL B 141 6.18 -22.01 -3.03
C VAL B 141 7.59 -22.54 -2.81
N HIS B 142 8.04 -23.45 -3.66
CA HIS B 142 9.46 -23.85 -3.70
C HIS B 142 9.89 -23.75 -5.15
N GLY B 143 11.20 -23.61 -5.40
CA GLY B 143 11.70 -23.49 -6.78
C GLY B 143 11.05 -22.28 -7.47
N GLY B 144 11.09 -22.24 -8.79
CA GLY B 144 10.55 -21.09 -9.50
C GLY B 144 9.05 -20.92 -9.45
N CYS B 145 8.61 -19.67 -9.31
CA CYS B 145 7.21 -19.30 -9.46
C CYS B 145 7.15 -18.20 -10.52
N ILE B 146 6.83 -18.57 -11.75
CA ILE B 146 7.12 -17.73 -12.89
C ILE B 146 5.84 -17.32 -13.59
N GLY B 147 5.73 -16.01 -13.92
CA GLY B 147 4.65 -15.51 -14.80
C GLY B 147 3.29 -15.80 -14.20
N GLY B 148 2.57 -16.77 -14.79
CA GLY B 148 1.23 -17.14 -14.31
C GLY B 148 1.22 -17.55 -12.83
N GLY B 149 2.36 -18.04 -12.36
CA GLY B 149 2.51 -18.41 -10.96
C GLY B 149 2.46 -17.23 -9.97
N VAL B 150 2.99 -16.07 -10.39
CA VAL B 150 2.83 -14.86 -9.60
C VAL B 150 1.36 -14.37 -9.59
N ASP B 151 0.66 -14.49 -10.73
CA ASP B 151 -0.76 -14.14 -10.78
C ASP B 151 -1.50 -15.04 -9.78
N LEU B 152 -1.09 -16.31 -9.72
CA LEU B 152 -1.72 -17.26 -8.79
C LEU B 152 -1.50 -16.87 -7.32
N VAL B 153 -0.23 -16.73 -6.92
CA VAL B 153 0.09 -16.59 -5.48
C VAL B 153 -0.32 -15.22 -4.93
N THR B 154 -0.42 -14.20 -5.79
CA THR B 154 -0.87 -12.89 -5.32
C THR B 154 -2.38 -12.86 -5.16
N ALA B 155 -3.06 -13.89 -5.66
CA ALA B 155 -4.50 -14.07 -5.39
C ALA B 155 -4.78 -14.91 -4.14
N CYS B 156 -3.72 -15.52 -3.59
CA CYS B 156 -3.79 -16.21 -2.27
C CYS B 156 -3.69 -15.22 -1.12
N ASP B 157 -4.15 -15.65 0.05
CA ASP B 157 -4.18 -14.81 1.24
C ASP B 157 -2.83 -14.70 1.94
N ILE B 158 -2.10 -15.81 1.97
CA ILE B 158 -0.85 -15.91 2.69
C ILE B 158 0.12 -16.66 1.76
N ARG B 159 1.38 -16.27 1.82
CA ARG B 159 2.46 -16.87 1.02
C ARG B 159 3.63 -17.28 1.89
N TYR B 160 3.98 -18.58 1.81
CA TYR B 160 5.21 -19.14 2.37
C TYR B 160 6.12 -19.60 1.23
N CYS B 161 7.43 -19.67 1.48
CA CYS B 161 8.32 -20.27 0.48
C CYS B 161 9.53 -20.99 1.07
N ALA B 162 10.12 -21.85 0.24
CA ALA B 162 11.38 -22.53 0.55
C ALA B 162 12.55 -21.61 0.15
N GLN B 163 13.73 -21.90 0.68
CA GLN B 163 14.92 -21.11 0.46
C GLN B 163 15.36 -21.08 -1.02
N ASP B 164 14.98 -22.12 -1.78
CA ASP B 164 15.25 -22.19 -3.22
C ASP B 164 14.21 -21.46 -4.10
N ALA B 165 13.21 -20.83 -3.50
CA ALA B 165 12.16 -20.22 -4.29
C ALA B 165 12.60 -18.94 -4.99
N PHE B 166 11.94 -18.62 -6.10
CA PHE B 166 12.06 -17.31 -6.73
C PHE B 166 10.78 -16.95 -7.46
N PHE B 167 10.53 -15.65 -7.57
CA PHE B 167 9.33 -15.10 -8.18
C PHE B 167 9.74 -14.24 -9.38
N GLN B 168 8.97 -14.31 -10.47
CA GLN B 168 9.36 -13.62 -11.68
C GLN B 168 8.11 -13.17 -12.44
N VAL B 169 7.97 -11.85 -12.62
CA VAL B 169 6.83 -11.27 -13.38
C VAL B 169 7.28 -11.31 -14.83
N LYS B 170 7.14 -12.51 -15.39
CA LYS B 170 7.77 -12.85 -16.65
C LYS B 170 7.10 -12.23 -17.90
N GLU B 171 5.85 -11.77 -17.79
CA GLU B 171 5.10 -11.34 -18.96
C GLU B 171 5.77 -10.36 -19.93
N VAL B 172 6.45 -9.30 -19.47
CA VAL B 172 7.08 -8.37 -20.46
C VAL B 172 8.06 -9.08 -21.39
N ASP B 173 8.76 -10.11 -20.88
CA ASP B 173 9.70 -10.89 -21.70
C ASP B 173 9.00 -11.66 -22.82
N VAL B 174 7.71 -11.90 -22.65
CA VAL B 174 6.90 -12.60 -23.64
C VAL B 174 6.14 -11.61 -24.54
N GLY B 175 6.26 -10.31 -24.27
CA GLY B 175 5.74 -9.29 -25.18
C GLY B 175 4.33 -8.82 -24.78
N LEU B 176 3.97 -9.00 -23.52
CA LEU B 176 2.70 -8.46 -23.01
C LEU B 176 2.80 -7.92 -21.58
N ALA B 177 1.93 -6.95 -21.27
CA ALA B 177 1.65 -6.60 -19.88
C ALA B 177 0.86 -7.74 -19.28
N ALA B 178 1.26 -8.22 -18.09
CA ALA B 178 0.51 -9.23 -17.33
C ALA B 178 -0.97 -8.83 -17.18
N ASP B 179 -1.87 -9.71 -17.65
CA ASP B 179 -3.32 -9.37 -17.64
C ASP B 179 -4.20 -10.32 -16.83
N VAL B 180 -3.59 -11.30 -16.18
CA VAL B 180 -4.31 -12.32 -15.45
C VAL B 180 -4.59 -11.92 -14.00
N GLY B 181 -3.77 -11.03 -13.45
CA GLY B 181 -3.97 -10.65 -12.04
C GLY B 181 -2.79 -9.97 -11.40
N THR B 182 -1.56 -10.29 -11.86
CA THR B 182 -0.32 -9.79 -11.20
C THR B 182 -0.28 -8.25 -11.10
N LEU B 183 -0.54 -7.53 -12.19
CA LEU B 183 -0.50 -6.05 -12.12
C LEU B 183 -1.63 -5.48 -11.27
N GLN B 184 -2.66 -6.28 -11.00
CA GLN B 184 -3.76 -5.81 -10.15
C GLN B 184 -3.61 -6.11 -8.66
N ARG B 185 -2.98 -7.25 -8.33
CA ARG B 185 -2.82 -7.70 -6.95
C ARG B 185 -1.43 -7.53 -6.35
N LEU B 186 -0.37 -7.77 -7.15
CA LEU B 186 1.02 -7.58 -6.64
C LEU B 186 1.23 -6.20 -6.00
N PRO B 187 0.79 -5.09 -6.67
CA PRO B 187 1.01 -3.82 -5.97
C PRO B 187 0.23 -3.66 -4.69
N LYS B 188 -0.83 -4.44 -4.48
CA LYS B 188 -1.63 -4.32 -3.27
C LYS B 188 -1.18 -5.27 -2.18
N VAL B 189 -0.27 -6.21 -2.46
CA VAL B 189 0.11 -7.16 -1.40
C VAL B 189 1.46 -6.85 -0.72
N ILE B 190 2.23 -5.93 -1.30
CA ILE B 190 3.47 -5.46 -0.66
C ILE B 190 3.55 -3.93 -0.67
N GLY B 191 4.42 -3.37 0.17
CA GLY B 191 4.50 -1.91 0.31
C GLY B 191 5.40 -1.21 -0.73
N ASN B 192 6.51 -1.83 -1.09
CA ASN B 192 7.56 -1.14 -1.87
C ASN B 192 7.15 -1.10 -3.36
N GLN B 193 6.55 0.02 -3.80
CA GLN B 193 6.16 0.16 -5.22
C GLN B 193 7.28 0.36 -6.21
N SER B 194 8.39 0.95 -5.74
CA SER B 194 9.60 1.05 -6.56
C SER B 194 10.03 -0.35 -6.99
N LEU B 195 10.04 -1.26 -6.02
CA LEU B 195 10.36 -2.68 -6.25
C LEU B 195 9.34 -3.40 -7.19
N VAL B 196 8.04 -3.27 -6.91
CA VAL B 196 6.98 -3.81 -7.77
C VAL B 196 7.21 -3.34 -9.21
N ASN B 197 7.45 -2.05 -9.40
CA ASN B 197 7.63 -1.51 -10.74
C ASN B 197 8.87 -2.07 -11.45
N GLU B 198 10.01 -2.02 -10.77
CA GLU B 198 11.17 -2.67 -11.28
C GLU B 198 10.95 -4.16 -11.67
N LEU B 199 10.31 -4.93 -10.80
CA LEU B 199 9.98 -6.36 -11.12
C LEU B 199 9.13 -6.53 -12.38
N ALA B 200 8.06 -5.73 -12.47
CA ALA B 200 7.16 -5.75 -13.59
C ALA B 200 7.81 -5.30 -14.91
N PHE B 201 8.68 -4.27 -14.86
CA PHE B 201 9.25 -3.72 -16.11
C PHE B 201 10.46 -4.56 -16.61
N THR B 202 11.14 -5.27 -15.70
CA THR B 202 12.37 -5.95 -16.09
C THR B 202 12.24 -7.46 -16.19
N ALA B 203 11.16 -8.02 -15.62
CA ALA B 203 11.00 -9.49 -15.52
C ALA B 203 12.12 -10.21 -14.76
N ARG B 204 12.84 -9.48 -13.89
CA ARG B 204 13.96 -10.11 -13.15
C ARG B 204 13.47 -11.00 -12.02
N LYS B 205 14.30 -11.99 -11.68
CA LYS B 205 13.96 -12.94 -10.64
C LYS B 205 14.16 -12.29 -9.27
N MET B 206 13.21 -12.51 -8.39
CA MET B 206 13.37 -12.14 -7.00
C MET B 206 13.49 -13.43 -6.19
N MET B 207 14.64 -13.63 -5.53
CA MET B 207 14.92 -14.82 -4.73
C MET B 207 14.29 -14.73 -3.33
N ALA B 208 14.42 -15.81 -2.56
CA ALA B 208 13.66 -16.01 -1.33
C ALA B 208 13.90 -14.93 -0.27
N ASP B 209 15.17 -14.57 -0.10
CA ASP B 209 15.59 -13.57 0.89
C ASP B 209 14.99 -12.21 0.58
N GLU B 210 14.99 -11.84 -0.70
CA GLU B 210 14.35 -10.59 -1.11
C GLU B 210 12.82 -10.66 -0.98
N ALA B 211 12.23 -11.79 -1.36
CA ALA B 211 10.77 -11.99 -1.22
C ALA B 211 10.36 -11.85 0.25
N LEU B 212 11.19 -12.35 1.17
CA LEU B 212 10.92 -12.20 2.60
C LEU B 212 11.01 -10.72 3.05
N GLY B 213 12.10 -10.06 2.67
CA GLY B 213 12.35 -8.68 3.09
C GLY B 213 11.37 -7.68 2.49
N SER B 214 10.89 -7.92 1.28
CA SER B 214 9.83 -7.07 0.68
C SER B 214 8.44 -7.34 1.25
N GLY B 215 8.30 -8.45 1.97
CA GLY B 215 7.00 -8.86 2.48
C GLY B 215 6.11 -9.65 1.51
N LEU B 216 6.59 -10.00 0.32
CA LEU B 216 5.79 -10.84 -0.60
C LEU B 216 5.48 -12.21 0.05
N VAL B 217 6.45 -12.75 0.77
CA VAL B 217 6.20 -13.94 1.57
C VAL B 217 6.34 -13.53 3.03
N SER B 218 5.60 -14.22 3.90
CA SER B 218 5.70 -13.92 5.31
C SER B 218 6.66 -14.84 6.08
N ARG B 219 6.99 -16.01 5.52
CA ARG B 219 8.00 -16.89 6.13
C ARG B 219 8.81 -17.62 5.06
N VAL B 220 10.09 -17.87 5.34
CA VAL B 220 10.92 -18.72 4.47
C VAL B 220 11.41 -19.91 5.26
N PHE B 221 11.39 -21.10 4.63
CA PHE B 221 11.81 -22.34 5.26
C PHE B 221 12.98 -23.00 4.51
N PRO B 222 13.84 -23.77 5.22
CA PRO B 222 15.02 -24.39 4.59
C PRO B 222 14.78 -25.21 3.31
N ASP B 223 13.67 -25.95 3.26
CA ASP B 223 13.38 -26.82 2.10
C ASP B 223 11.89 -27.03 1.94
N LYS B 224 11.51 -27.67 0.83
CA LYS B 224 10.10 -27.89 0.49
C LYS B 224 9.35 -28.59 1.64
N GLU B 225 9.97 -29.62 2.21
CA GLU B 225 9.28 -30.48 3.17
C GLU B 225 8.87 -29.72 4.44
N VAL B 226 9.84 -29.05 5.05
CA VAL B 226 9.61 -28.21 6.22
C VAL B 226 8.62 -27.07 5.87
N MET B 227 8.74 -26.51 4.66
CA MET B 227 7.80 -25.45 4.25
C MET B 227 6.36 -25.94 4.19
N LEU B 228 6.18 -27.08 3.54
CA LEU B 228 4.89 -27.69 3.34
C LEU B 228 4.27 -28.03 4.69
N ASP B 229 5.07 -28.60 5.58
CA ASP B 229 4.63 -28.93 6.93
C ASP B 229 4.11 -27.70 7.64
N ALA B 230 4.86 -26.59 7.56
CA ALA B 230 4.45 -25.32 8.20
C ALA B 230 3.18 -24.73 7.58
N ALA B 231 3.10 -24.79 6.25
CA ALA B 231 1.88 -24.34 5.55
C ALA B 231 0.64 -25.10 6.05
N LEU B 232 0.79 -26.41 6.20
CA LEU B 232 -0.33 -27.24 6.67
C LEU B 232 -0.66 -27.01 8.17
N ALA B 233 0.37 -26.80 8.97
CA ALA B 233 0.18 -26.48 10.39
C ALA B 233 -0.50 -25.12 10.57
N LEU B 234 -0.16 -24.17 9.70
CA LEU B 234 -0.92 -22.91 9.65
C LEU B 234 -2.39 -23.13 9.26
N ALA B 235 -2.65 -24.04 8.31
CA ALA B 235 -4.01 -24.31 7.86
C ALA B 235 -4.83 -24.99 8.97
N ALA B 236 -4.17 -25.87 9.74
CA ALA B 236 -4.72 -26.42 10.97
C ALA B 236 -5.06 -25.37 12.01
N GLU B 237 -4.14 -24.45 12.28
CA GLU B 237 -4.39 -23.36 13.24
C GLU B 237 -5.63 -22.52 12.83
N ILE B 238 -5.71 -22.13 11.56
CA ILE B 238 -6.92 -21.48 10.99
C ILE B 238 -8.20 -22.31 11.16
N SER B 239 -8.13 -23.61 10.85
CA SER B 239 -9.27 -24.50 10.94
C SER B 239 -9.69 -24.76 12.39
N SER B 240 -8.81 -24.43 13.34
CA SER B 240 -9.16 -24.58 14.76
C SER B 240 -10.08 -23.43 15.23
N LYS B 241 -10.18 -22.36 14.43
CA LYS B 241 -11.05 -21.21 14.71
C LYS B 241 -12.48 -21.39 14.19
N SER B 242 -13.41 -20.61 14.74
CA SER B 242 -14.76 -20.51 14.21
C SER B 242 -14.69 -20.22 12.70
N PRO B 243 -15.30 -21.10 11.86
CA PRO B 243 -15.28 -20.78 10.43
C PRO B 243 -16.13 -19.57 10.08
N VAL B 244 -17.18 -19.28 10.85
CA VAL B 244 -17.97 -18.07 10.63
C VAL B 244 -17.07 -16.85 10.76
N ALA B 245 -16.27 -16.82 11.82
CA ALA B 245 -15.36 -15.70 12.12
C ALA B 245 -14.25 -15.56 11.08
N VAL B 246 -13.57 -16.68 10.81
CA VAL B 246 -12.48 -16.70 9.84
C VAL B 246 -12.97 -16.30 8.43
N GLN B 247 -14.06 -16.91 7.96
CA GLN B 247 -14.53 -16.61 6.60
C GLN B 247 -15.10 -15.19 6.49
N SER B 248 -15.67 -14.69 7.58
CA SER B 248 -16.13 -13.32 7.65
C SER B 248 -14.92 -12.39 7.66
N THR B 249 -13.82 -12.81 8.28
CA THR B 249 -12.57 -12.03 8.26
C THR B 249 -12.00 -11.87 6.82
N LYS B 250 -11.99 -12.95 6.06
CA LYS B 250 -11.51 -12.88 4.68
C LYS B 250 -12.39 -11.99 3.83
N VAL B 251 -13.70 -12.17 3.93
CA VAL B 251 -14.62 -11.33 3.14
C VAL B 251 -14.38 -9.82 3.40
N ASN B 252 -14.24 -9.48 4.68
CA ASN B 252 -14.04 -8.08 5.07
C ASN B 252 -12.64 -7.52 4.82
N LEU B 253 -11.62 -8.37 4.90
CA LEU B 253 -10.30 -7.91 4.47
C LEU B 253 -10.27 -7.59 2.96
N LEU B 254 -10.91 -8.44 2.17
CA LEU B 254 -10.96 -8.20 0.72
C LEU B 254 -11.77 -6.95 0.41
N TYR B 255 -12.90 -6.76 1.12
CA TYR B 255 -13.70 -5.57 0.88
C TYR B 255 -12.88 -4.30 1.24
N SER B 256 -12.19 -4.35 2.37
CA SER B 256 -11.37 -3.22 2.84
CA SER B 256 -11.37 -3.23 2.86
C SER B 256 -10.24 -2.86 1.88
N ARG B 257 -9.63 -3.86 1.25
CA ARG B 257 -8.61 -3.57 0.23
C ARG B 257 -9.20 -2.69 -0.88
N ASP B 258 -10.43 -2.96 -1.29
CA ASP B 258 -11.00 -2.26 -2.45
C ASP B 258 -11.84 -1.02 -2.16
N HIS B 259 -12.06 -0.67 -0.90
CA HIS B 259 -12.95 0.45 -0.58
C HIS B 259 -12.31 1.42 0.45
N SER B 260 -12.85 2.62 0.57
CA SER B 260 -12.44 3.52 1.65
C SER B 260 -12.67 2.91 3.04
N VAL B 261 -11.97 3.45 4.03
CA VAL B 261 -12.24 3.04 5.40
C VAL B 261 -13.71 3.25 5.77
N ALA B 262 -14.30 4.42 5.45
CA ALA B 262 -15.69 4.67 5.87
C ALA B 262 -16.67 3.64 5.23
N GLU B 263 -16.48 3.37 3.94
CA GLU B 263 -17.34 2.36 3.25
C GLU B 263 -17.14 0.95 3.83
N SER B 264 -15.91 0.62 4.17
CA SER B 264 -15.59 -0.70 4.71
C SER B 264 -16.13 -0.85 6.16
N LEU B 265 -16.17 0.24 6.93
CA LEU B 265 -16.74 0.20 8.28
C LEU B 265 -18.24 -0.01 8.19
N ASN B 266 -18.85 0.65 7.23
CA ASN B 266 -20.26 0.44 6.97
C ASN B 266 -20.55 -1.03 6.61
N TYR B 267 -19.71 -1.59 5.76
CA TYR B 267 -19.93 -2.96 5.25
C TYR B 267 -19.78 -4.03 6.32
N VAL B 268 -18.71 -3.92 7.12
CA VAL B 268 -18.52 -4.83 8.26
C VAL B 268 -19.66 -4.79 9.27
N ALA B 269 -20.23 -3.61 9.53
CA ALA B 269 -21.40 -3.53 10.42
C ALA B 269 -22.61 -4.27 9.87
N SER B 270 -22.88 -4.10 8.58
CA SER B 270 -23.99 -4.78 7.88
C SER B 270 -23.71 -6.28 7.75
N TRP B 271 -22.44 -6.65 7.67
CA TRP B 271 -22.01 -8.05 7.60
C TRP B 271 -22.19 -8.78 8.96
N ASN B 272 -21.60 -8.23 10.02
CA ASN B 272 -21.62 -8.86 11.33
C ASN B 272 -22.94 -8.82 12.06
N MET B 273 -23.89 -8.02 11.56
CA MET B 273 -25.15 -7.93 12.26
C MET B 273 -25.86 -9.29 12.26
N SER B 274 -25.60 -10.11 11.23
CA SER B 274 -26.06 -11.52 11.20
C SER B 274 -25.05 -12.48 11.82
N MET B 275 -23.77 -12.25 11.52
CA MET B 275 -22.73 -13.21 11.87
C MET B 275 -22.49 -13.25 13.35
N LEU B 276 -22.80 -12.16 14.05
CA LEU B 276 -22.71 -12.15 15.51
C LEU B 276 -23.76 -13.07 16.18
N GLN B 277 -24.81 -13.44 15.44
CA GLN B 277 -25.82 -14.35 15.95
C GLN B 277 -25.42 -15.79 15.59
N THR B 278 -24.26 -16.21 16.07
CA THR B 278 -23.77 -17.56 15.85
C THR B 278 -23.55 -18.23 17.21
N GLN B 279 -23.65 -19.56 17.25
CA GLN B 279 -23.38 -20.36 18.44
C GLN B 279 -21.90 -20.33 18.81
N ASP B 280 -21.03 -20.32 17.79
CA ASP B 280 -19.56 -20.28 17.97
C ASP B 280 -19.13 -19.05 18.77
N LEU B 281 -20.10 -18.16 19.03
CA LEU B 281 -19.86 -16.93 19.75
C LEU B 281 -20.46 -17.01 21.16
N VAL B 282 -21.78 -17.25 21.24
CA VAL B 282 -22.47 -17.50 22.52
C VAL B 282 -21.64 -18.43 23.40
N SER C 22 0.02 18.38 34.70
CA SER C 22 -1.31 18.79 35.14
C SER C 22 -2.63 18.32 34.53
N MET C 23 -3.59 17.96 35.38
CA MET C 23 -4.93 17.56 34.93
C MET C 23 -5.54 18.62 34.00
N ALA C 24 -5.95 18.17 32.80
CA ALA C 24 -6.66 19.03 31.83
C ALA C 24 -8.09 19.27 32.32
N PRO C 25 -8.51 20.56 32.43
CA PRO C 25 -9.73 20.87 33.21
C PRO C 25 -11.07 20.50 32.53
N ASP C 26 -11.09 20.47 31.20
CA ASP C 26 -12.31 20.21 30.44
C ASP C 26 -12.62 18.70 30.40
N HIS C 27 -11.73 17.91 31.01
CA HIS C 27 -11.66 16.47 30.78
C HIS C 27 -11.75 15.67 32.07
N SER C 28 -12.95 15.19 32.41
CA SER C 28 -13.15 14.40 33.62
C SER C 28 -13.86 13.08 33.29
N TYR C 29 -13.13 11.96 33.42
CA TYR C 29 -13.58 10.66 32.91
C TYR C 29 -13.34 9.54 33.89
N GLU C 30 -14.23 8.53 33.86
CA GLU C 30 -14.05 7.29 34.62
C GLU C 30 -12.87 6.47 34.09
N SER C 31 -12.79 6.37 32.77
CA SER C 31 -11.93 5.39 32.12
C SER C 31 -10.65 5.99 31.51
N LEU C 32 -10.61 7.31 31.42
CA LEU C 32 -9.49 8.03 30.81
C LEU C 32 -8.90 9.09 31.75
N ARG C 33 -7.60 9.31 31.64
CA ARG C 33 -6.92 10.39 32.34
C ARG C 33 -6.20 11.31 31.33
N VAL C 34 -6.58 12.58 31.32
CA VAL C 34 -6.05 13.51 30.32
C VAL C 34 -5.22 14.61 30.99
N THR C 35 -3.96 14.73 30.57
CA THR C 35 -3.07 15.74 31.14
C THR C 35 -2.42 16.61 30.05
N SER C 36 -2.04 17.83 30.43
CA SER C 36 -1.15 18.64 29.61
C SER C 36 0.24 18.10 29.84
N ALA C 37 0.88 17.63 28.77
CA ALA C 37 2.18 16.95 28.91
C ALA C 37 3.31 17.86 28.53
N GLN C 38 3.04 18.74 27.57
CA GLN C 38 3.89 19.89 27.30
C GLN C 38 2.96 20.94 26.69
N LYS C 39 3.45 22.15 26.43
CA LYS C 39 2.58 23.13 25.79
C LYS C 39 2.07 22.55 24.46
N HIS C 40 0.78 22.77 24.23
CA HIS C 40 0.09 22.29 23.04
C HIS C 40 -0.04 20.76 22.92
N VAL C 41 0.47 20.03 23.91
CA VAL C 41 0.37 18.57 23.87
C VAL C 41 -0.56 18.03 24.96
N LEU C 42 -1.54 17.24 24.55
CA LEU C 42 -2.35 16.48 25.49
C LEU C 42 -1.93 15.02 25.52
N HIS C 43 -1.90 14.48 26.73
CA HIS C 43 -1.65 13.07 26.99
C HIS C 43 -2.94 12.41 27.50
N VAL C 44 -3.48 11.50 26.69
CA VAL C 44 -4.71 10.77 27.02
C VAL C 44 -4.27 9.39 27.47
N GLN C 45 -4.55 9.05 28.73
CA GLN C 45 -4.12 7.77 29.27
C GLN C 45 -5.31 6.89 29.57
N LEU C 46 -5.34 5.68 29.01
CA LEU C 46 -6.37 4.71 29.40
C LEU C 46 -6.14 4.37 30.85
N ASN C 47 -7.21 4.46 31.65
CA ASN C 47 -7.04 4.48 33.11
C ASN C 47 -7.88 3.50 33.94
N ARG C 48 -7.85 2.22 33.54
CA ARG C 48 -8.39 1.13 34.35
C ARG C 48 -7.32 0.08 34.59
N PRO C 49 -6.16 0.47 35.16
CA PRO C 49 -5.03 -0.45 35.30
C PRO C 49 -5.33 -1.74 36.08
N ASN C 50 -6.25 -1.67 37.06
CA ASN C 50 -6.69 -2.87 37.79
C ASN C 50 -7.38 -3.91 36.92
N LYS C 51 -7.98 -3.45 35.81
CA LYS C 51 -8.70 -4.30 34.85
C LYS C 51 -7.94 -4.34 33.52
N ARG C 52 -6.63 -4.14 33.58
CA ARG C 52 -5.75 -4.10 32.41
C ARG C 52 -6.29 -3.23 31.29
N ASN C 53 -6.90 -2.11 31.69
CA ASN C 53 -7.51 -1.14 30.77
C ASN C 53 -8.53 -1.79 29.84
N ALA C 54 -9.25 -2.78 30.35
CA ALA C 54 -10.31 -3.44 29.58
C ALA C 54 -11.36 -2.41 29.16
N MET C 55 -11.85 -2.54 27.94
CA MET C 55 -12.74 -1.53 27.36
C MET C 55 -14.20 -1.84 27.68
N ASN C 56 -14.73 -1.14 28.69
CA ASN C 56 -16.10 -1.33 29.12
C ASN C 56 -16.97 -0.24 28.50
N LYS C 57 -18.27 -0.28 28.75
CA LYS C 57 -19.20 0.64 28.09
C LYS C 57 -18.87 2.11 28.22
N VAL C 58 -18.45 2.55 29.41
CA VAL C 58 -18.15 3.97 29.62
C VAL C 58 -16.95 4.42 28.78
N PHE C 59 -15.97 3.52 28.62
CA PHE C 59 -14.83 3.78 27.74
C PHE C 59 -15.23 4.19 26.33
N TRP C 60 -16.16 3.43 25.73
CA TRP C 60 -16.58 3.67 24.36
C TRP C 60 -17.24 5.04 24.24
N ARG C 61 -17.99 5.42 25.27
CA ARG C 61 -18.64 6.72 25.30
CA ARG C 61 -18.64 6.72 25.30
C ARG C 61 -17.73 7.89 25.67
N GLU C 62 -16.75 7.66 26.52
CA GLU C 62 -15.86 8.72 26.95
C GLU C 62 -14.79 9.07 25.90
N MET C 63 -14.35 8.09 25.13
CA MET C 63 -13.39 8.35 24.05
C MET C 63 -13.98 9.36 23.06
N VAL C 64 -15.23 9.15 22.68
CA VAL C 64 -15.95 10.02 21.75
C VAL C 64 -16.04 11.45 22.31
N GLU C 65 -16.42 11.55 23.58
CA GLU C 65 -16.49 12.82 24.27
C GLU C 65 -15.14 13.54 24.26
N CYS C 66 -14.09 12.80 24.64
CA CYS C 66 -12.71 13.31 24.75
C CYS C 66 -12.15 13.82 23.41
N PHE C 67 -12.18 12.95 22.41
CA PHE C 67 -11.66 13.27 21.09
C PHE C 67 -12.35 14.50 20.51
N ASN C 68 -13.69 14.45 20.43
CA ASN C 68 -14.44 15.59 19.90
C ASN C 68 -14.08 16.93 20.60
N LYS C 69 -13.84 16.87 21.91
CA LYS C 69 -13.37 18.06 22.64
C LYS C 69 -12.00 18.53 22.11
N ILE C 70 -11.04 17.61 22.06
CA ILE C 70 -9.68 17.91 21.60
C ILE C 70 -9.66 18.49 20.17
N SER C 71 -10.57 18.00 19.31
CA SER C 71 -10.67 18.48 17.92
C SER C 71 -11.02 19.95 17.85
N ARG C 72 -11.76 20.42 18.85
CA ARG C 72 -12.21 21.81 18.91
C ARG C 72 -11.32 22.67 19.79
N ASP C 73 -10.22 22.09 20.26
CA ASP C 73 -9.29 22.74 21.18
C ASP C 73 -8.13 23.38 20.42
N ALA C 74 -8.24 24.70 20.18
CA ALA C 74 -7.24 25.48 19.45
C ALA C 74 -5.86 25.42 20.10
N ASP C 75 -5.84 25.19 21.42
CA ASP C 75 -4.59 25.15 22.17
C ASP C 75 -3.84 23.83 21.99
N CYS C 76 -4.55 22.78 21.64
CA CYS C 76 -3.94 21.47 21.44
C CYS C 76 -3.46 21.28 20.00
N ARG C 77 -2.21 20.83 19.85
CA ARG C 77 -1.59 20.64 18.54
C ARG C 77 -1.19 19.18 18.24
N ALA C 78 -1.08 18.36 19.28
CA ALA C 78 -0.79 16.92 19.14
C ALA C 78 -1.23 16.15 20.39
N VAL C 79 -1.51 14.86 20.20
CA VAL C 79 -1.97 13.97 21.28
C VAL C 79 -1.09 12.72 21.38
N VAL C 80 -0.84 12.26 22.60
CA VAL C 80 -0.23 10.97 22.86
C VAL C 80 -1.24 10.12 23.60
N ILE C 81 -1.39 8.87 23.19
CA ILE C 81 -2.25 7.93 23.91
C ILE C 81 -1.42 6.77 24.43
N SER C 82 -1.54 6.54 25.74
CA SER C 82 -0.87 5.44 26.41
C SER C 82 -1.85 4.75 27.38
N GLY C 83 -1.36 3.71 28.05
CA GLY C 83 -2.13 2.93 29.00
C GLY C 83 -1.46 2.98 30.36
N ALA C 84 -2.27 3.19 31.39
CA ALA C 84 -1.82 3.04 32.81
C ALA C 84 -1.66 1.57 33.15
N GLY C 85 -0.68 1.29 34.01
CA GLY C 85 -0.52 -0.05 34.56
C GLY C 85 0.46 -0.90 33.76
N LYS C 86 0.25 -2.22 33.82
CA LYS C 86 1.16 -3.20 33.25
C LYS C 86 1.07 -3.38 31.73
N MET C 87 -0.06 -3.02 31.14
CA MET C 87 -0.24 -3.19 29.68
C MET C 87 -1.11 -2.10 29.07
N PHE C 88 -0.87 -1.82 27.78
CA PHE C 88 -1.69 -0.87 27.03
C PHE C 88 -3.21 -1.18 27.16
N THR C 89 -3.61 -2.40 26.77
CA THR C 89 -5.01 -2.84 26.91
C THR C 89 -5.22 -4.34 26.65
N ALA C 90 -6.02 -4.96 27.50
CA ALA C 90 -6.47 -6.35 27.31
C ALA C 90 -7.63 -6.44 26.30
N GLY C 91 -8.15 -5.29 25.88
CA GLY C 91 -9.21 -5.26 24.86
C GLY C 91 -10.58 -5.10 25.48
N ILE C 92 -11.60 -5.59 24.78
CA ILE C 92 -12.99 -5.38 25.20
C ILE C 92 -13.33 -6.05 26.56
N ASP C 93 -14.08 -5.34 27.40
CA ASP C 93 -14.63 -5.93 28.62
C ASP C 93 -15.65 -6.98 28.19
N LEU C 94 -15.29 -8.26 28.32
CA LEU C 94 -16.13 -9.36 27.82
C LEU C 94 -17.37 -9.62 28.69
N MET C 95 -17.34 -9.14 29.94
CA MET C 95 -18.54 -9.06 30.77
C MET C 95 -19.58 -8.17 30.05
N ASP C 96 -19.17 -6.95 29.72
CA ASP C 96 -20.05 -5.96 29.08
C ASP C 96 -20.44 -6.31 27.65
N MET C 97 -19.51 -6.92 26.90
CA MET C 97 -19.77 -7.38 25.54
C MET C 97 -20.80 -8.51 25.52
N ALA C 98 -20.87 -9.28 26.60
CA ALA C 98 -21.89 -10.32 26.78
C ALA C 98 -23.30 -9.72 26.93
N SER C 99 -23.45 -8.70 27.77
CA SER C 99 -24.72 -8.00 27.93
C SER C 99 -25.36 -7.61 26.58
N ASP C 100 -24.55 -7.08 25.67
CA ASP C 100 -25.02 -6.67 24.33
C ASP C 100 -25.35 -7.85 23.39
N ILE C 101 -24.53 -8.90 23.43
CA ILE C 101 -24.69 -10.04 22.52
C ILE C 101 -25.49 -11.22 23.10
N LEU C 102 -25.39 -11.45 24.41
CA LEU C 102 -26.16 -12.53 25.08
C LEU C 102 -27.60 -12.15 25.41
N GLN C 103 -27.84 -10.86 25.64
CA GLN C 103 -29.20 -10.33 25.73
C GLN C 103 -29.41 -9.22 24.69
N PRO C 104 -29.59 -9.60 23.40
CA PRO C 104 -29.88 -8.62 22.33
C PRO C 104 -31.37 -8.27 22.22
N LYS C 105 -31.66 -6.97 22.12
CA LYS C 105 -33.04 -6.45 21.98
C LYS C 105 -33.61 -6.69 20.58
N GLY C 106 -34.89 -7.04 20.51
CA GLY C 106 -35.54 -7.36 19.26
C GLY C 106 -36.14 -8.76 19.26
N ASP C 107 -37.26 -8.92 18.57
CA ASP C 107 -37.97 -10.20 18.51
C ASP C 107 -37.22 -11.23 17.65
N ASP C 108 -37.42 -11.20 16.34
CA ASP C 108 -36.75 -12.14 15.43
C ASP C 108 -35.34 -11.65 15.07
N VAL C 109 -34.67 -12.49 14.28
CA VAL C 109 -33.31 -12.30 13.83
C VAL C 109 -33.12 -10.96 13.13
N ALA C 110 -34.11 -10.53 12.35
CA ALA C 110 -34.00 -9.28 11.60
C ALA C 110 -33.94 -8.09 12.54
N ARG C 111 -34.75 -8.14 13.59
CA ARG C 111 -34.76 -7.03 14.53
C ARG C 111 -33.53 -7.03 15.42
N ILE C 112 -33.04 -8.21 15.77
CA ILE C 112 -31.76 -8.32 16.45
C ILE C 112 -30.63 -7.77 15.56
N SER C 113 -30.69 -8.06 14.25
CA SER C 113 -29.69 -7.54 13.27
C SER C 113 -29.60 -6.02 13.31
N TRP C 114 -30.74 -5.32 13.13
CA TRP C 114 -30.78 -3.85 13.23
C TRP C 114 -30.20 -3.35 14.57
N TYR C 115 -30.55 -4.03 15.66
CA TYR C 115 -30.01 -3.68 16.95
C TYR C 115 -28.47 -3.82 17.00
N LEU C 116 -27.94 -4.96 16.53
CA LEU C 116 -26.50 -5.21 16.59
C LEU C 116 -25.70 -4.29 15.66
N ARG C 117 -26.29 -3.95 14.51
CA ARG C 117 -25.65 -3.01 13.57
C ARG C 117 -25.41 -1.62 14.21
N ASP C 118 -26.43 -1.12 14.92
CA ASP C 118 -26.36 0.14 15.67
C ASP C 118 -25.25 0.13 16.71
N ILE C 119 -25.16 -0.98 17.46
CA ILE C 119 -24.09 -1.20 18.43
C ILE C 119 -22.72 -1.17 17.74
N ILE C 120 -22.55 -1.91 16.66
CA ILE C 120 -21.24 -1.96 15.98
C ILE C 120 -20.81 -0.53 15.53
N THR C 121 -21.77 0.16 14.91
CA THR C 121 -21.56 1.51 14.39
C THR C 121 -21.16 2.50 15.51
N ARG C 122 -21.86 2.45 16.65
CA ARG C 122 -21.47 3.24 17.82
C ARG C 122 -20.05 2.97 18.33
N TYR C 123 -19.66 1.69 18.43
CA TYR C 123 -18.32 1.32 18.88
C TYR C 123 -17.23 1.75 17.87
N GLN C 124 -17.55 1.66 16.58
CA GLN C 124 -16.67 2.18 15.53
C GLN C 124 -16.40 3.66 15.72
N GLU C 125 -17.39 4.41 16.19
CA GLU C 125 -17.24 5.84 16.37
C GLU C 125 -16.17 6.19 17.42
N THR C 126 -15.99 5.32 18.42
CA THR C 126 -14.93 5.41 19.44
C THR C 126 -13.52 5.60 18.86
N PHE C 127 -13.24 4.94 17.75
CA PHE C 127 -11.95 5.10 17.08
C PHE C 127 -12.01 6.05 15.90
N ASN C 128 -13.17 6.16 15.22
CA ASN C 128 -13.32 7.19 14.18
C ASN C 128 -12.98 8.59 14.67
N VAL C 129 -13.36 8.90 15.91
CA VAL C 129 -13.11 10.25 16.45
C VAL C 129 -11.63 10.60 16.53
N ILE C 130 -10.75 9.60 16.65
CA ILE C 130 -9.28 9.81 16.62
C ILE C 130 -8.82 10.25 15.22
N GLU C 131 -9.35 9.57 14.21
CA GLU C 131 -9.04 9.87 12.82
C GLU C 131 -9.62 11.24 12.46
N ARG C 132 -10.85 11.51 12.91
CA ARG C 132 -11.51 12.78 12.60
C ARG C 132 -10.90 13.99 13.28
N CYS C 133 -10.24 13.75 14.41
CA CYS C 133 -9.41 14.77 15.08
C CYS C 133 -8.22 15.18 14.18
N PRO C 134 -8.14 16.45 13.78
CA PRO C 134 -7.11 16.89 12.84
C PRO C 134 -5.72 17.05 13.47
N LYS C 135 -5.64 17.01 14.81
CA LYS C 135 -4.35 17.00 15.52
C LYS C 135 -3.77 15.61 15.38
N PRO C 136 -2.46 15.49 15.08
CA PRO C 136 -1.87 14.17 15.06
C PRO C 136 -1.99 13.44 16.40
N VAL C 137 -2.26 12.13 16.34
CA VAL C 137 -2.41 11.29 17.53
C VAL C 137 -1.36 10.16 17.49
N ILE C 138 -0.58 10.06 18.55
CA ILE C 138 0.50 9.12 18.61
C ILE C 138 0.13 8.08 19.66
N ALA C 139 0.19 6.81 19.28
CA ALA C 139 -0.03 5.68 20.18
C ALA C 139 1.31 5.27 20.78
N ALA C 140 1.40 5.23 22.12
CA ALA C 140 2.61 4.77 22.80
C ALA C 140 2.31 3.48 23.57
N VAL C 141 2.63 2.35 22.96
CA VAL C 141 2.17 1.06 23.46
C VAL C 141 3.24 0.31 24.24
N HIS C 142 2.97 -0.04 25.50
CA HIS C 142 3.79 -1.04 26.17
C HIS C 142 2.91 -2.24 26.55
N GLY C 143 3.54 -3.39 26.78
CA GLY C 143 2.84 -4.63 27.10
C GLY C 143 1.81 -5.00 26.04
N GLY C 144 0.82 -5.78 26.42
CA GLY C 144 -0.21 -6.21 25.48
C GLY C 144 -1.10 -5.13 24.92
N CYS C 145 -1.36 -5.23 23.62
CA CYS C 145 -2.33 -4.42 22.91
C CYS C 145 -3.23 -5.40 22.16
N ILE C 146 -4.32 -5.80 22.79
CA ILE C 146 -5.07 -6.96 22.35
C ILE C 146 -6.47 -6.55 21.85
N GLY C 147 -6.91 -7.14 20.75
CA GLY C 147 -8.30 -7.02 20.32
C GLY C 147 -8.63 -5.59 19.95
N GLY C 148 -9.55 -5.01 20.72
CA GLY C 148 -9.90 -3.59 20.64
C GLY C 148 -8.70 -2.66 20.68
N GLY C 149 -7.62 -3.06 21.36
CA GLY C 149 -6.39 -2.25 21.35
C GLY C 149 -5.78 -2.02 19.96
N VAL C 150 -5.83 -3.06 19.13
CA VAL C 150 -5.36 -2.96 17.74
C VAL C 150 -6.28 -2.05 16.91
N ASP C 151 -7.59 -2.10 17.18
CA ASP C 151 -8.57 -1.22 16.51
C ASP C 151 -8.25 0.24 16.85
N LEU C 152 -7.87 0.47 18.12
CA LEU C 152 -7.45 1.79 18.60
C LEU C 152 -6.17 2.31 17.92
N VAL C 153 -5.09 1.54 18.03
CA VAL C 153 -3.77 2.03 17.59
C VAL C 153 -3.68 2.17 16.06
N THR C 154 -4.43 1.34 15.32
CA THR C 154 -4.44 1.48 13.85
C THR C 154 -5.27 2.67 13.37
N ALA C 155 -6.10 3.24 14.25
CA ALA C 155 -6.73 4.54 13.99
C ALA C 155 -5.88 5.76 14.40
N CYS C 156 -4.75 5.53 15.07
CA CYS C 156 -3.79 6.62 15.37
C CYS C 156 -2.88 6.80 14.18
N ASP C 157 -2.24 7.97 14.10
CA ASP C 157 -1.42 8.33 12.94
C ASP C 157 -0.04 7.72 13.01
N ILE C 158 0.51 7.67 14.22
CA ILE C 158 1.90 7.20 14.46
C ILE C 158 1.88 6.23 15.66
N ARG C 159 2.66 5.13 15.56
CA ARG C 159 2.73 4.12 16.61
C ARG C 159 4.15 3.94 17.11
N TYR C 160 4.34 4.08 18.44
CA TYR C 160 5.61 3.71 19.09
C TYR C 160 5.35 2.58 20.07
N CYS C 161 6.38 1.80 20.40
CA CYS C 161 6.20 0.81 21.46
C CYS C 161 7.46 0.52 22.25
N ALA C 162 7.27 0.00 23.47
CA ALA C 162 8.36 -0.59 24.27
C ALA C 162 8.70 -1.99 23.75
N GLN C 163 9.89 -2.47 24.09
CA GLN C 163 10.41 -3.80 23.70
C GLN C 163 9.53 -4.96 24.14
N ASP C 164 8.80 -4.76 25.23
CA ASP C 164 7.94 -5.80 25.77
C ASP C 164 6.52 -5.82 25.16
N ALA C 165 6.24 -4.91 24.22
CA ALA C 165 4.91 -4.77 23.67
C ALA C 165 4.50 -5.96 22.78
N PHE C 166 3.20 -6.19 22.59
CA PHE C 166 2.75 -7.12 21.56
C PHE C 166 1.37 -6.71 21.07
N PHE C 167 1.02 -7.18 19.87
CA PHE C 167 -0.23 -6.80 19.22
C PHE C 167 -0.91 -8.08 18.83
N GLN C 168 -2.22 -8.14 19.02
CA GLN C 168 -2.94 -9.37 18.75
C GLN C 168 -4.35 -9.09 18.26
N VAL C 169 -4.64 -9.54 17.04
CA VAL C 169 -5.99 -9.44 16.45
C VAL C 169 -6.82 -10.62 16.97
N LYS C 170 -7.30 -10.46 18.19
CA LYS C 170 -7.86 -11.54 18.99
C LYS C 170 -9.24 -12.01 18.56
N GLU C 171 -9.97 -11.16 17.81
CA GLU C 171 -11.42 -11.35 17.61
C GLU C 171 -11.80 -12.75 17.13
N VAL C 172 -11.06 -13.30 16.18
CA VAL C 172 -11.29 -14.66 15.66
C VAL C 172 -11.33 -15.74 16.77
N ASP C 173 -10.50 -15.58 17.80
CA ASP C 173 -10.54 -16.49 18.96
C ASP C 173 -11.83 -16.36 19.76
N VAL C 174 -12.36 -15.14 19.83
CA VAL C 174 -13.57 -14.87 20.60
C VAL C 174 -14.82 -15.35 19.82
N GLY C 175 -14.72 -15.41 18.48
CA GLY C 175 -15.78 -16.01 17.63
C GLY C 175 -16.39 -15.06 16.62
N LEU C 176 -15.66 -13.99 16.30
CA LEU C 176 -16.13 -12.97 15.36
C LEU C 176 -14.99 -12.36 14.53
N ALA C 177 -15.31 -11.90 13.34
CA ALA C 177 -14.45 -11.02 12.57
C ALA C 177 -14.46 -9.66 13.26
N ALA C 178 -13.28 -9.08 13.49
CA ALA C 178 -13.16 -7.74 14.08
C ALA C 178 -13.96 -6.70 13.29
N ASP C 179 -14.79 -5.93 13.98
CA ASP C 179 -15.72 -5.02 13.30
C ASP C 179 -15.66 -3.56 13.77
N VAL C 180 -14.71 -3.22 14.66
CA VAL C 180 -14.64 -1.82 15.10
C VAL C 180 -13.46 -1.07 14.51
N GLY C 181 -12.74 -1.70 13.58
CA GLY C 181 -11.80 -0.95 12.75
C GLY C 181 -10.55 -1.65 12.31
N THR C 182 -10.14 -2.71 13.02
CA THR C 182 -8.87 -3.39 12.69
C THR C 182 -8.81 -3.89 11.25
N LEU C 183 -9.86 -4.57 10.79
CA LEU C 183 -9.81 -5.11 9.41
C LEU C 183 -9.89 -4.01 8.37
N GLN C 184 -10.36 -2.84 8.79
CA GLN C 184 -10.42 -1.72 7.84
C GLN C 184 -9.13 -0.89 7.77
N ARG C 185 -8.43 -0.78 8.90
CA ARG C 185 -7.25 0.08 8.97
C ARG C 185 -5.92 -0.68 8.98
N LEU C 186 -5.82 -1.79 9.71
CA LEU C 186 -4.57 -2.55 9.71
C LEU C 186 -3.99 -2.82 8.31
N PRO C 187 -4.82 -3.28 7.36
CA PRO C 187 -4.24 -3.53 6.02
C PRO C 187 -3.75 -2.26 5.31
N LYS C 188 -4.20 -1.09 5.74
CA LYS C 188 -3.78 0.15 5.11
C LYS C 188 -2.61 0.81 5.79
N VAL C 189 -2.21 0.33 6.96
CA VAL C 189 -1.08 1.00 7.67
C VAL C 189 0.28 0.30 7.54
N ILE C 190 0.26 -0.96 7.08
CA ILE C 190 1.51 -1.69 6.79
C ILE C 190 1.45 -2.30 5.37
N GLY C 191 2.59 -2.69 4.82
CA GLY C 191 2.67 -3.17 3.42
C GLY C 191 2.38 -4.66 3.25
N ASN C 192 2.81 -5.47 4.22
CA ASN C 192 2.86 -6.94 4.05
C ASN C 192 1.48 -7.56 4.31
N GLN C 193 0.72 -7.82 3.25
CA GLN C 193 -0.66 -8.31 3.44
C GLN C 193 -0.69 -9.81 3.81
N SER C 194 0.33 -10.56 3.42
CA SER C 194 0.45 -11.95 3.85
C SER C 194 0.47 -12.02 5.38
N LEU C 195 1.28 -11.16 5.98
CA LEU C 195 1.36 -10.97 7.45
C LEU C 195 0.02 -10.47 8.04
N VAL C 196 -0.58 -9.45 7.42
CA VAL C 196 -1.89 -8.92 7.88
C VAL C 196 -2.90 -10.08 7.94
N ASN C 197 -2.99 -10.85 6.85
CA ASN C 197 -3.92 -11.96 6.78
C ASN C 197 -3.67 -13.05 7.84
N GLU C 198 -2.40 -13.42 8.00
CA GLU C 198 -2.03 -14.44 8.99
C GLU C 198 -2.35 -13.99 10.45
N LEU C 199 -2.14 -12.72 10.78
CA LEU C 199 -2.49 -12.21 12.12
C LEU C 199 -4.01 -12.23 12.37
N ALA C 200 -4.76 -11.83 11.35
CA ALA C 200 -6.22 -11.76 11.45
C ALA C 200 -6.87 -13.16 11.51
N PHE C 201 -6.33 -14.13 10.77
CA PHE C 201 -6.89 -15.48 10.71
C PHE C 201 -6.47 -16.41 11.89
N THR C 202 -5.31 -16.14 12.49
CA THR C 202 -4.80 -16.99 13.57
C THR C 202 -4.87 -16.35 14.96
N ALA C 203 -5.06 -15.03 15.02
CA ALA C 203 -5.04 -14.31 16.31
C ALA C 203 -3.71 -14.48 17.04
N ARG C 204 -2.62 -14.66 16.32
CA ARG C 204 -1.35 -14.86 17.03
C ARG C 204 -0.78 -13.53 17.49
N LYS C 205 0.02 -13.58 18.54
CA LYS C 205 0.64 -12.40 19.09
C LYS C 205 1.80 -11.99 18.20
N MET C 206 1.88 -10.71 17.85
CA MET C 206 3.03 -10.18 17.15
C MET C 206 3.85 -9.33 18.14
N MET C 207 5.08 -9.75 18.40
CA MET C 207 5.95 -9.14 19.40
C MET C 207 6.66 -7.93 18.82
N ALA C 208 7.36 -7.17 19.67
CA ALA C 208 7.88 -5.85 19.31
C ALA C 208 8.83 -5.80 18.10
N ASP C 209 9.75 -6.75 17.99
CA ASP C 209 10.72 -6.67 16.92
C ASP C 209 10.02 -6.90 15.58
N GLU C 210 8.98 -7.75 15.57
CA GLU C 210 8.24 -8.01 14.34
C GLU C 210 7.30 -6.87 13.98
N ALA C 211 6.75 -6.23 15.01
CA ALA C 211 5.97 -5.00 14.83
C ALA C 211 6.81 -3.92 14.13
N LEU C 212 8.09 -3.77 14.55
CA LEU C 212 9.02 -2.85 13.90
C LEU C 212 9.38 -3.30 12.48
N GLY C 213 9.73 -4.58 12.34
CA GLY C 213 10.13 -5.11 11.04
C GLY C 213 9.04 -4.90 10.00
N SER C 214 7.79 -5.05 10.42
CA SER C 214 6.64 -4.95 9.50
C SER C 214 6.24 -3.49 9.26
N GLY C 215 6.76 -2.57 10.08
CA GLY C 215 6.37 -1.17 9.98
C GLY C 215 5.09 -0.81 10.72
N LEU C 216 4.52 -1.75 11.49
CA LEU C 216 3.33 -1.42 12.33
C LEU C 216 3.69 -0.29 13.32
N VAL C 217 4.89 -0.36 13.91
CA VAL C 217 5.40 0.75 14.72
C VAL C 217 6.57 1.44 13.99
N SER C 218 6.75 2.75 14.19
CA SER C 218 7.94 3.40 13.61
C SER C 218 9.21 3.19 14.44
N ARG C 219 9.05 3.00 15.76
CA ARG C 219 10.18 2.81 16.66
C ARG C 219 9.86 2.03 17.91
N VAL C 220 10.86 1.31 18.39
CA VAL C 220 10.79 0.50 19.60
C VAL C 220 11.78 1.10 20.62
N PHE C 221 11.38 1.14 21.89
CA PHE C 221 12.23 1.64 22.99
C PHE C 221 12.37 0.58 24.07
N PRO C 222 13.46 0.64 24.87
CA PRO C 222 13.75 -0.41 25.86
C PRO C 222 12.63 -0.63 26.89
N ASP C 223 11.99 0.45 27.32
CA ASP C 223 10.97 0.36 28.35
C ASP C 223 9.90 1.43 28.19
N LYS C 224 8.84 1.31 29.00
CA LYS C 224 7.69 2.22 28.96
C LYS C 224 8.10 3.67 29.20
N GLU C 225 8.96 3.91 30.19
CA GLU C 225 9.36 5.26 30.53
C GLU C 225 10.06 5.97 29.37
N VAL C 226 10.97 5.27 28.71
CA VAL C 226 11.75 5.82 27.61
C VAL C 226 10.84 6.01 26.39
N MET C 227 9.93 5.05 26.18
CA MET C 227 8.93 5.12 25.10
C MET C 227 8.04 6.36 25.21
N LEU C 228 7.50 6.57 26.41
CA LEU C 228 6.67 7.72 26.71
C LEU C 228 7.42 9.06 26.54
N ASP C 229 8.68 9.10 26.95
CA ASP C 229 9.48 10.31 26.76
C ASP C 229 9.69 10.64 25.28
N ALA C 230 9.96 9.61 24.48
CA ALA C 230 10.11 9.75 23.03
C ALA C 230 8.81 10.18 22.34
N ALA C 231 7.67 9.61 22.76
CA ALA C 231 6.38 9.95 22.18
C ALA C 231 6.03 11.39 22.48
N LEU C 232 6.30 11.83 23.72
CA LEU C 232 6.10 13.23 24.08
C LEU C 232 7.08 14.17 23.37
N ALA C 233 8.32 13.74 23.19
CA ALA C 233 9.28 14.53 22.41
C ALA C 233 8.80 14.71 20.98
N LEU C 234 8.37 13.60 20.35
CA LEU C 234 7.72 13.70 19.04
C LEU C 234 6.57 14.69 18.99
N ALA C 235 5.64 14.56 19.95
CA ALA C 235 4.47 15.43 20.01
C ALA C 235 4.86 16.92 20.20
N ALA C 236 5.92 17.16 20.99
CA ALA C 236 6.48 18.49 21.17
C ALA C 236 7.05 19.02 19.85
N GLU C 237 7.78 18.17 19.14
CA GLU C 237 8.30 18.56 17.81
C GLU C 237 7.18 18.93 16.84
N ILE C 238 6.09 18.17 16.82
CA ILE C 238 4.93 18.46 15.94
C ILE C 238 4.23 19.76 16.35
N SER C 239 4.07 19.94 17.65
CA SER C 239 3.56 21.19 18.26
C SER C 239 4.36 22.46 17.94
N SER C 240 5.62 22.30 17.57
CA SER C 240 6.45 23.46 17.23
C SER C 240 6.16 24.03 15.81
N LYS C 241 5.53 23.22 14.96
CA LYS C 241 5.18 23.60 13.60
C LYS C 241 3.90 24.41 13.52
N SER C 242 3.72 25.09 12.40
CA SER C 242 2.44 25.69 12.07
C SER C 242 1.30 24.70 12.22
N PRO C 243 0.33 25.02 13.11
CA PRO C 243 -0.82 24.15 13.35
C PRO C 243 -1.69 24.04 12.12
N VAL C 244 -1.81 25.13 11.36
CA VAL C 244 -2.54 25.11 10.08
C VAL C 244 -1.93 24.11 9.13
N ALA C 245 -0.59 24.14 9.00
CA ALA C 245 0.15 23.21 8.16
C ALA C 245 0.03 21.76 8.58
N VAL C 246 0.23 21.53 9.88
CA VAL C 246 0.21 20.18 10.39
C VAL C 246 -1.19 19.56 10.23
N GLN C 247 -2.22 20.31 10.65
CA GLN C 247 -3.59 19.79 10.62
C GLN C 247 -4.11 19.66 9.19
N SER C 248 -3.67 20.54 8.31
CA SER C 248 -3.97 20.42 6.87
C SER C 248 -3.30 19.16 6.30
N THR C 249 -2.12 18.83 6.81
CA THR C 249 -1.37 17.64 6.38
C THR C 249 -2.11 16.35 6.79
N LYS C 250 -2.53 16.26 8.05
CA LYS C 250 -3.32 15.11 8.47
C LYS C 250 -4.61 14.96 7.66
N VAL C 251 -5.36 16.05 7.50
CA VAL C 251 -6.58 16.01 6.68
C VAL C 251 -6.32 15.44 5.29
N ASN C 252 -5.23 15.89 4.68
CA ASN C 252 -4.87 15.50 3.32
C ASN C 252 -4.26 14.11 3.12
N LEU C 253 -3.50 13.66 4.12
CA LEU C 253 -3.07 12.26 4.15
C LEU C 253 -4.23 11.30 4.28
N LEU C 254 -5.16 11.65 5.17
CA LEU C 254 -6.36 10.83 5.33
C LEU C 254 -7.17 10.75 4.04
N TYR C 255 -7.37 11.90 3.41
CA TYR C 255 -8.04 11.96 2.15
C TYR C 255 -7.35 11.09 1.08
N SER C 256 -6.03 11.22 0.98
CA SER C 256 -5.23 10.45 0.01
C SER C 256 -5.32 8.93 0.21
N ARG C 257 -5.35 8.44 1.44
CA ARG C 257 -5.55 7.01 1.72
C ARG C 257 -6.80 6.46 1.02
N ASP C 258 -7.85 7.29 0.93
CA ASP C 258 -9.19 6.79 0.56
C ASP C 258 -9.62 7.12 -0.87
N HIS C 259 -8.80 7.83 -1.63
CA HIS C 259 -9.22 8.33 -2.96
C HIS C 259 -8.06 8.17 -3.93
N SER C 260 -8.34 8.20 -5.22
CA SER C 260 -7.28 8.15 -6.23
C SER C 260 -6.31 9.32 -6.07
N VAL C 261 -5.13 9.21 -6.67
CA VAL C 261 -4.22 10.33 -6.73
C VAL C 261 -4.84 11.60 -7.39
N ALA C 262 -5.53 11.43 -8.52
CA ALA C 262 -6.11 12.60 -9.24
C ALA C 262 -7.14 13.31 -8.33
N GLU C 263 -8.01 12.53 -7.68
CA GLU C 263 -9.02 13.11 -6.76
C GLU C 263 -8.38 13.83 -5.56
N SER C 264 -7.36 13.19 -5.00
CA SER C 264 -6.60 13.77 -3.88
C SER C 264 -5.79 15.04 -4.25
N LEU C 265 -5.24 15.09 -5.46
CA LEU C 265 -4.61 16.31 -5.97
C LEU C 265 -5.60 17.47 -6.12
N ASN C 266 -6.77 17.15 -6.65
CA ASN C 266 -7.85 18.12 -6.77
C ASN C 266 -8.25 18.64 -5.35
N TYR C 267 -8.38 17.72 -4.41
CA TYR C 267 -8.85 18.04 -3.05
C TYR C 267 -7.87 18.96 -2.34
N VAL C 268 -6.58 18.63 -2.40
CA VAL C 268 -5.53 19.48 -1.77
C VAL C 268 -5.45 20.90 -2.36
N ALA C 269 -5.71 21.03 -3.65
CA ALA C 269 -5.74 22.33 -4.32
C ALA C 269 -6.89 23.12 -3.74
N SER C 270 -8.07 22.50 -3.61
CA SER C 270 -9.22 23.17 -3.00
C SER C 270 -9.05 23.45 -1.50
N TRP C 271 -8.29 22.61 -0.82
CA TRP C 271 -8.03 22.76 0.60
C TRP C 271 -7.09 23.95 0.86
N ASN C 272 -5.94 23.91 0.20
CA ASN C 272 -4.88 24.89 0.41
C ASN C 272 -5.12 26.28 -0.23
N MET C 273 -6.11 26.39 -1.11
CA MET C 273 -6.44 27.69 -1.69
C MET C 273 -6.82 28.69 -0.59
N SER C 274 -7.45 28.22 0.49
CA SER C 274 -7.66 29.07 1.69
C SER C 274 -6.50 29.02 2.70
N MET C 275 -5.91 27.84 2.89
CA MET C 275 -4.91 27.62 3.94
C MET C 275 -3.59 28.33 3.68
N LEU C 276 -3.28 28.58 2.41
CA LEU C 276 -2.09 29.33 2.05
C LEU C 276 -2.24 30.80 2.44
N GLN C 277 -3.44 31.20 2.83
CA GLN C 277 -3.67 32.55 3.28
C GLN C 277 -3.61 32.53 4.81
N THR C 278 -2.48 32.11 5.32
CA THR C 278 -2.27 32.14 6.76
C THR C 278 -1.10 33.08 7.07
N GLN C 279 -1.12 33.70 8.25
CA GLN C 279 0.01 34.45 8.78
C GLN C 279 1.26 33.59 9.04
N ASP C 280 1.06 32.31 9.39
CA ASP C 280 2.16 31.34 9.61
C ASP C 280 3.05 31.18 8.37
N LEU C 281 2.49 31.53 7.21
CA LEU C 281 3.21 31.40 5.94
C LEU C 281 4.10 32.62 5.66
N VAL C 282 3.52 33.83 5.66
CA VAL C 282 4.34 35.06 5.66
C VAL C 282 5.16 35.16 6.96
CL CL D . 11.23 -2.88 1.51
CL CL E . -14.25 34.43 -9.82
CL CL F . -3.77 -14.08 -21.61
CL CL G . -19.59 -20.76 7.14
CL CL H . 9.27 -0.88 7.55
CL CL I . 7.97 -7.14 5.78
#